data_5F72
#
_entry.id   5F72
#
_cell.length_a   70.499
_cell.length_b   69.808
_cell.length_c   99.562
_cell.angle_alpha   90.00
_cell.angle_beta   92.23
_cell.angle_gamma   90.00
#
_symmetry.space_group_name_H-M   'P 1 21 1'
#
loop_
_entity.id
_entity.type
_entity.pdbx_description
1 polymer 'Kelch-like ECH-associated protein 1'
2 polymer 'Single chain Fv from a Fab'
3 water water
#
loop_
_entity_poly.entity_id
_entity_poly.type
_entity_poly.pdbx_seq_one_letter_code
_entity_poly.pdbx_strand_id
1 'polypeptide(L)'
;GSMGHAPKVGRLIYTAGGYFRQSLSYLEAYNPSDGTWLDLADLQVPRSGLAGCVVGGLLYAVGGRNNSPDGNTDSSALDC
YNPMTNQWSPCAPMSVPRNRIGVGVIDGHIYAVGGSHGCIHHNSVERYEPERDEWHLVAPMLTRRIGVGVAVLNRLLYAV
GGFDGTNRLNSAECYYPERNEWRMITAMNTIRSGAGVCVLHNCIYAAGGYDGQDQLNSVERYDVETETWTFVAPMKHRRS
ALGITVHQGRIYVLGGYDGHTFLDSVECYDPDTDTWSEVTRMTSGRSGVGVAVTME
;
K,C
2 'polypeptide(L)'
;EVQLVESGGGLVQPGGSLRLSCAASGFAISASSIHWVRQAPGKCLEWVASIDPETGETLYAKSVAGRFTISADTSKNTAY
LQMNSLRAEDTAVYYCARAYAGDGVYYADVWGQGTLVTVSSGGGGSGGGGSGGGGSGGGGSDIQMTQSPSSLSASVGDRV
TITCRASQSVSSAVAWYQQKPGKAPKLLIYSASSLYSGVPSRFSGSRSGTDFTLTISSLQPEDFATYYCQQSYSFPSTFG
CGTKVEIKRTENLYFQG
;
T,S
#
# COMPACT_ATOMS: atom_id res chain seq x y z
N GLY A 10 18.49 -18.59 -0.40
CA GLY A 10 17.02 -18.48 -0.76
C GLY A 10 15.97 -19.38 -0.08
N ARG A 11 15.34 -18.86 0.97
CA ARG A 11 14.14 -19.47 1.49
C ARG A 11 12.96 -18.85 0.76
N LEU A 12 11.83 -19.56 0.84
CA LEU A 12 10.62 -19.16 0.13
C LEU A 12 9.52 -18.87 1.12
N ILE A 13 8.54 -18.10 0.64
CA ILE A 13 7.34 -17.78 1.37
C ILE A 13 6.25 -18.55 0.64
N TYR A 14 5.67 -19.51 1.36
CA TYR A 14 4.55 -20.32 0.85
C TYR A 14 3.22 -19.74 1.25
N THR A 15 2.29 -19.72 0.28
CA THR A 15 0.92 -19.34 0.51
C THR A 15 0.07 -20.53 -0.02
N ALA A 16 -0.78 -21.06 0.86
CA ALA A 16 -1.57 -22.24 0.59
C ALA A 16 -3.02 -21.89 0.78
N GLY A 17 -3.83 -22.32 -0.18
CA GLY A 17 -5.26 -22.08 -0.08
C GLY A 17 -5.67 -20.59 -0.14
N GLY A 18 -6.75 -20.25 0.55
CA GLY A 18 -7.30 -18.86 0.53
C GLY A 18 -8.60 -18.86 -0.19
N TYR A 19 -9.18 -17.67 -0.39
CA TYR A 19 -10.48 -17.52 -0.98
C TYR A 19 -10.52 -16.42 -2.01
N PHE A 20 -11.25 -16.71 -3.10
CA PHE A 20 -11.66 -15.75 -4.13
C PHE A 20 -12.76 -16.47 -4.87
N ARG A 21 -14.00 -15.99 -4.69
CA ARG A 21 -15.25 -16.61 -5.18
C ARG A 21 -15.60 -17.91 -4.51
N GLN A 22 -14.56 -18.68 -4.22
CA GLN A 22 -14.65 -19.97 -3.48
C GLN A 22 -13.29 -20.24 -2.83
N SER A 23 -13.28 -21.14 -1.84
CA SER A 23 -11.98 -21.56 -1.28
C SER A 23 -11.09 -22.14 -2.38
N LEU A 24 -9.79 -21.96 -2.26
CA LEU A 24 -8.81 -22.23 -3.31
C LEU A 24 -7.91 -23.39 -2.95
N SER A 25 -7.36 -24.04 -3.98
CA SER A 25 -6.43 -25.11 -3.78
C SER A 25 -4.99 -24.71 -3.98
N TYR A 26 -4.74 -23.44 -4.32
CA TYR A 26 -3.36 -23.04 -4.68
C TYR A 26 -2.29 -23.28 -3.67
N LEU A 27 -1.15 -23.77 -4.12
CA LEU A 27 0.07 -23.65 -3.36
C LEU A 27 1.05 -22.92 -4.22
N GLU A 28 1.55 -21.77 -3.73
CA GLU A 28 2.52 -20.96 -4.50
C GLU A 28 3.60 -20.54 -3.55
N ALA A 29 4.76 -20.28 -4.11
CA ALA A 29 5.90 -19.86 -3.33
C ALA A 29 6.49 -18.58 -3.93
N TYR A 30 6.65 -17.57 -3.07
CA TYR A 30 7.24 -16.31 -3.45
C TYR A 30 8.72 -16.31 -3.10
N ASN A 31 9.52 -15.88 -4.08
CA ASN A 31 10.96 -15.75 -3.86
C ASN A 31 11.35 -14.26 -3.85
N PRO A 32 11.49 -13.69 -2.64
CA PRO A 32 11.78 -12.23 -2.52
C PRO A 32 13.08 -11.80 -3.25
N SER A 33 13.97 -12.74 -3.59
CA SER A 33 15.25 -12.38 -4.22
C SER A 33 14.98 -11.88 -5.65
N ASP A 34 14.13 -12.58 -6.39
CA ASP A 34 13.86 -12.22 -7.78
C ASP A 34 12.41 -11.79 -8.03
N GLY A 35 11.59 -11.83 -6.98
CA GLY A 35 10.19 -11.50 -7.07
C GLY A 35 9.29 -12.36 -7.93
N THR A 36 9.63 -13.64 -8.08
CA THR A 36 8.82 -14.58 -8.88
C THR A 36 8.00 -15.48 -7.95
N TRP A 37 6.84 -15.89 -8.45
CA TRP A 37 5.96 -16.78 -7.77
C TRP A 37 6.07 -18.13 -8.46
N LEU A 38 6.28 -19.20 -7.70
CA LEU A 38 6.31 -20.54 -8.28
C LEU A 38 5.01 -21.20 -8.01
N ASP A 39 4.56 -21.96 -8.98
CA ASP A 39 3.30 -22.57 -8.94
C ASP A 39 3.55 -24.05 -8.59
N LEU A 40 3.18 -24.46 -7.37
CA LEU A 40 3.47 -25.83 -6.86
C LEU A 40 2.22 -26.73 -6.75
N ALA A 41 2.43 -27.96 -6.29
CA ALA A 41 1.33 -28.95 -6.17
C ALA A 41 0.11 -28.38 -5.36
N ASP A 42 -1.04 -28.35 -6.00
CA ASP A 42 -2.30 -28.01 -5.43
C ASP A 42 -2.55 -28.81 -4.14
N LEU A 43 -3.23 -28.16 -3.20
CA LEU A 43 -3.79 -28.83 -2.04
C LEU A 43 -4.81 -29.87 -2.57
N GLN A 44 -4.88 -30.99 -1.88
CA GLN A 44 -5.84 -32.07 -2.17
C GLN A 44 -7.26 -31.62 -2.01
N VAL A 45 -7.51 -30.76 -1.02
CA VAL A 45 -8.87 -30.26 -0.80
C VAL A 45 -8.73 -28.71 -0.73
N PRO A 46 -9.67 -27.98 -1.36
CA PRO A 46 -9.59 -26.51 -1.22
C PRO A 46 -9.92 -26.10 0.19
N ARG A 47 -9.36 -24.96 0.64
CA ARG A 47 -9.72 -24.44 1.93
C ARG A 47 -9.19 -23.01 2.10
N SER A 48 -9.96 -22.29 2.88
CA SER A 48 -9.57 -20.95 3.32
C SER A 48 -9.81 -20.89 4.84
N GLY A 49 -9.22 -19.87 5.50
CA GLY A 49 -9.31 -19.85 6.99
C GLY A 49 -8.38 -20.89 7.63
N LEU A 50 -7.44 -21.46 6.87
CA LEU A 50 -6.39 -22.37 7.40
C LEU A 50 -5.20 -21.60 7.93
N ALA A 51 -4.26 -22.29 8.55
CA ALA A 51 -2.97 -21.69 8.93
C ALA A 51 -1.87 -22.63 8.45
N GLY A 52 -0.71 -22.01 8.22
CA GLY A 52 0.49 -22.71 7.75
C GLY A 52 1.55 -22.71 8.79
N CYS A 53 2.38 -23.73 8.79
CA CYS A 53 3.60 -23.73 9.60
C CYS A 53 4.56 -24.68 8.97
N VAL A 54 5.80 -24.64 9.45
CA VAL A 54 6.85 -25.55 8.93
C VAL A 54 7.51 -26.21 10.08
N VAL A 55 7.65 -27.51 10.00
CA VAL A 55 8.38 -28.27 11.00
C VAL A 55 9.37 -29.18 10.24
N GLY A 56 10.60 -29.32 10.75
CA GLY A 56 11.60 -30.20 10.11
C GLY A 56 11.74 -30.12 8.59
N GLY A 57 11.55 -28.94 8.02
CA GLY A 57 11.64 -28.78 6.56
C GLY A 57 10.35 -29.00 5.75
N LEU A 58 9.27 -29.40 6.42
CA LEU A 58 8.01 -29.75 5.75
C LEU A 58 6.93 -28.71 6.08
N LEU A 59 6.13 -28.35 5.08
CA LEU A 59 5.09 -27.33 5.22
C LEU A 59 3.80 -28.05 5.64
N TYR A 60 3.09 -27.55 6.64
CA TYR A 60 1.82 -28.16 7.06
C TYR A 60 0.72 -27.17 6.82
N ALA A 61 -0.40 -27.67 6.29
CA ALA A 61 -1.60 -26.86 6.15
C ALA A 61 -2.63 -27.42 7.17
N VAL A 62 -3.17 -26.52 8.00
CA VAL A 62 -3.94 -26.94 9.13
C VAL A 62 -5.31 -26.28 9.18
N GLY A 63 -6.36 -27.11 9.28
CA GLY A 63 -7.74 -26.66 9.47
C GLY A 63 -8.33 -25.85 8.30
N GLY A 64 -9.19 -24.90 8.65
CA GLY A 64 -9.86 -23.97 7.67
C GLY A 64 -11.24 -24.50 7.32
N ARG A 65 -11.68 -24.14 6.13
CA ARG A 65 -13.04 -24.52 5.67
C ARG A 65 -13.07 -24.44 4.16
N ASN A 66 -13.69 -25.45 3.54
CA ASN A 66 -13.95 -25.43 2.11
C ASN A 66 -15.29 -24.79 1.68
N ASN A 67 -15.27 -23.49 1.36
CA ASN A 67 -16.47 -22.77 1.01
C ASN A 67 -16.61 -22.83 -0.52
N SER A 68 -17.43 -23.77 -0.98
CA SER A 68 -17.51 -24.01 -2.45
C SER A 68 -18.92 -23.70 -2.88
N PRO A 69 -19.16 -23.71 -4.21
CA PRO A 69 -20.53 -23.62 -4.69
C PRO A 69 -21.36 -24.80 -4.23
N ASP A 70 -20.84 -26.04 -4.26
CA ASP A 70 -21.71 -27.16 -3.75
C ASP A 70 -21.77 -27.38 -2.25
N GLY A 71 -21.08 -26.54 -1.45
CA GLY A 71 -21.19 -26.66 0.01
C GLY A 71 -20.07 -25.97 0.78
N ASN A 72 -20.21 -25.89 2.09
CA ASN A 72 -19.04 -25.57 2.93
C ASN A 72 -18.96 -26.40 4.15
N THR A 73 -17.77 -26.88 4.35
CA THR A 73 -17.46 -27.87 5.31
C THR A 73 -16.19 -27.42 6.05
N ASP A 74 -16.28 -27.23 7.36
CA ASP A 74 -15.09 -26.93 8.20
C ASP A 74 -14.14 -28.14 8.19
N SER A 75 -12.83 -27.91 8.28
CA SER A 75 -11.82 -28.96 8.11
C SER A 75 -11.10 -29.23 9.42
N SER A 76 -10.94 -30.49 9.78
CA SER A 76 -10.08 -30.89 10.87
C SER A 76 -8.77 -31.43 10.33
N ALA A 77 -8.56 -31.24 9.02
CA ALA A 77 -7.43 -31.87 8.30
C ALA A 77 -6.06 -31.27 8.70
N LEU A 78 -5.08 -32.14 8.74
CA LEU A 78 -3.68 -31.75 8.75
C LEU A 78 -3.01 -32.40 7.50
N ASP A 79 -2.38 -31.61 6.65
CA ASP A 79 -1.71 -32.16 5.47
C ASP A 79 -0.34 -31.59 5.44
N CYS A 80 0.59 -32.42 4.94
CA CYS A 80 2.05 -32.17 4.98
C CYS A 80 2.66 -32.10 3.56
N TYR A 81 3.32 -31.00 3.23
CA TYR A 81 3.94 -30.81 1.93
C TYR A 81 5.49 -30.96 2.05
N ASN A 82 6.06 -31.78 1.18
CA ASN A 82 7.51 -31.92 1.04
C ASN A 82 7.97 -31.08 -0.17
N PRO A 83 8.72 -30.00 0.06
CA PRO A 83 9.17 -29.19 -1.07
C PRO A 83 10.12 -29.93 -2.05
N MET A 84 10.86 -30.91 -1.52
CA MET A 84 11.80 -31.73 -2.25
C MET A 84 11.09 -32.63 -3.24
N THR A 85 9.91 -33.16 -2.87
CA THR A 85 9.16 -34.07 -3.78
C THR A 85 8.01 -33.36 -4.44
N ASN A 86 7.71 -32.13 -4.02
CA ASN A 86 6.50 -31.44 -4.45
C ASN A 86 5.25 -32.36 -4.29
N GLN A 87 5.13 -33.05 -3.17
CA GLN A 87 3.96 -33.91 -2.87
C GLN A 87 3.31 -33.62 -1.52
N TRP A 88 2.00 -33.58 -1.49
CA TRP A 88 1.23 -33.42 -0.26
C TRP A 88 0.87 -34.78 0.29
N SER A 89 0.95 -34.93 1.60
CA SER A 89 0.53 -36.19 2.28
C SER A 89 -0.44 -35.91 3.45
N PRO A 90 -1.56 -36.62 3.52
CA PRO A 90 -2.44 -36.50 4.70
C PRO A 90 -1.83 -36.97 6.01
N CYS A 91 -2.18 -36.30 7.10
CA CYS A 91 -1.78 -36.70 8.40
C CYS A 91 -3.02 -36.99 9.17
N ALA A 92 -2.86 -37.45 10.38
CA ALA A 92 -3.98 -37.66 11.31
C ALA A 92 -4.70 -36.35 11.51
N PRO A 93 -6.04 -36.40 11.57
CA PRO A 93 -6.73 -35.11 11.72
C PRO A 93 -6.86 -34.66 13.15
N MET A 94 -7.13 -33.38 13.33
CA MET A 94 -7.47 -32.89 14.66
C MET A 94 -8.73 -33.48 15.27
N SER A 95 -8.86 -33.30 16.59
CA SER A 95 -10.06 -33.75 17.30
C SER A 95 -11.30 -33.08 16.77
N VAL A 96 -11.22 -31.83 16.26
CA VAL A 96 -12.37 -31.11 15.82
C VAL A 96 -11.99 -30.23 14.62
N PRO A 97 -12.97 -29.88 13.73
CA PRO A 97 -12.72 -28.96 12.66
C PRO A 97 -12.37 -27.57 13.27
N ARG A 98 -11.48 -26.81 12.64
CA ARG A 98 -11.14 -25.47 13.16
C ARG A 98 -10.94 -24.58 11.98
N ASN A 99 -11.99 -23.86 11.62
CA ASN A 99 -11.93 -22.76 10.64
C ASN A 99 -11.52 -21.46 11.32
N ARG A 100 -10.62 -20.70 10.66
CA ARG A 100 -10.07 -19.41 11.14
C ARG A 100 -9.25 -19.68 12.42
N ILE A 101 -8.50 -20.79 12.29
CA ILE A 101 -7.59 -21.30 13.31
C ILE A 101 -6.30 -20.44 13.41
N GLY A 102 -5.58 -20.59 14.51
CA GLY A 102 -4.24 -19.99 14.68
C GLY A 102 -3.31 -21.18 14.96
N VAL A 103 -2.09 -21.10 14.42
CA VAL A 103 -1.11 -22.20 14.71
C VAL A 103 0.27 -21.68 15.08
N GLY A 104 1.00 -22.41 15.92
CA GLY A 104 2.36 -21.98 16.25
C GLY A 104 3.07 -23.31 16.51
N VAL A 105 4.41 -23.28 16.56
CA VAL A 105 5.22 -24.51 16.74
C VAL A 105 6.05 -24.36 18.02
N ILE A 106 6.02 -25.38 18.89
CA ILE A 106 6.96 -25.42 20.00
C ILE A 106 7.53 -26.81 20.09
N ASP A 107 8.84 -26.88 20.20
CA ASP A 107 9.57 -28.13 20.37
C ASP A 107 9.23 -29.15 19.30
N GLY A 108 9.14 -28.68 18.05
CA GLY A 108 8.83 -29.52 16.91
C GLY A 108 7.36 -30.01 16.83
N HIS A 109 6.49 -29.42 17.64
CA HIS A 109 5.09 -29.79 17.69
C HIS A 109 4.17 -28.67 17.24
N ILE A 110 3.13 -29.06 16.50
CA ILE A 110 2.18 -28.07 15.94
C ILE A 110 1.04 -27.84 16.90
N TYR A 111 0.86 -26.58 17.33
CA TYR A 111 -0.24 -26.23 18.23
C TYR A 111 -1.37 -25.59 17.44
N ALA A 112 -2.52 -26.25 17.46
CA ALA A 112 -3.74 -25.77 16.81
C ALA A 112 -4.59 -25.05 17.85
N VAL A 113 -4.79 -23.76 17.66
CA VAL A 113 -5.48 -22.91 18.62
C VAL A 113 -6.81 -22.38 18.11
N GLY A 114 -7.87 -22.61 18.88
CA GLY A 114 -9.15 -21.95 18.65
C GLY A 114 -9.84 -22.32 17.33
N GLY A 115 -10.43 -21.32 16.70
CA GLY A 115 -11.10 -21.52 15.39
C GLY A 115 -12.51 -22.03 15.63
N SER A 116 -13.31 -22.17 14.54
CA SER A 116 -14.72 -22.58 14.70
C SER A 116 -15.08 -23.88 13.97
N HIS A 117 -16.13 -24.52 14.52
CA HIS A 117 -16.83 -25.59 13.81
C HIS A 117 -18.33 -25.21 13.83
N GLY A 118 -18.80 -24.65 12.74
CA GLY A 118 -20.20 -24.13 12.63
C GLY A 118 -20.34 -22.94 13.58
N CYS A 119 -21.36 -23.02 14.45
CA CYS A 119 -21.56 -22.01 15.45
C CYS A 119 -20.60 -22.15 16.66
N ILE A 120 -19.94 -23.31 16.84
CA ILE A 120 -19.05 -23.54 17.97
C ILE A 120 -17.73 -22.77 17.80
N HIS A 121 -17.46 -21.83 18.73
CA HIS A 121 -16.20 -21.10 18.76
C HIS A 121 -15.34 -21.73 19.84
N HIS A 122 -14.19 -22.30 19.45
CA HIS A 122 -13.44 -23.13 20.38
C HIS A 122 -12.54 -22.27 21.26
N ASN A 123 -12.42 -22.60 22.53
CA ASN A 123 -11.25 -22.20 23.30
C ASN A 123 -10.23 -23.30 23.37
N SER A 124 -10.59 -24.51 22.90
CA SER A 124 -9.66 -25.67 23.05
C SER A 124 -8.42 -25.53 22.17
N VAL A 125 -7.36 -26.25 22.55
CA VAL A 125 -6.04 -26.19 21.89
C VAL A 125 -5.56 -27.64 21.90
N GLU A 126 -4.93 -28.04 20.84
CA GLU A 126 -4.37 -29.42 20.74
C GLU A 126 -3.04 -29.40 20.00
N ARG A 127 -2.20 -30.42 20.22
CA ARG A 127 -0.83 -30.42 19.81
C ARG A 127 -0.55 -31.65 19.01
N TYR A 128 0.08 -31.49 17.88
CA TYR A 128 0.45 -32.66 17.01
C TYR A 128 1.94 -32.97 17.15
N GLU A 129 2.25 -34.26 17.26
CA GLU A 129 3.63 -34.73 17.31
C GLU A 129 3.90 -35.48 16.04
N PRO A 130 4.70 -34.89 15.14
CA PRO A 130 4.85 -35.60 13.88
C PRO A 130 5.53 -36.98 13.97
N GLU A 131 6.33 -37.21 15.01
CA GLU A 131 7.07 -38.48 15.05
C GLU A 131 6.14 -39.64 15.24
N ARG A 132 5.01 -39.37 15.90
CA ARG A 132 3.98 -40.40 16.14
C ARG A 132 2.69 -40.19 15.35
N ASP A 133 2.59 -39.14 14.53
CA ASP A 133 1.28 -38.81 13.86
C ASP A 133 0.05 -38.85 14.82
N GLU A 134 0.18 -38.15 15.95
CA GLU A 134 -0.86 -38.10 17.05
C GLU A 134 -1.14 -36.69 17.49
N TRP A 135 -2.43 -36.34 17.61
CA TRP A 135 -2.89 -35.03 18.23
C TRP A 135 -3.30 -35.35 19.64
N HIS A 136 -2.98 -34.47 20.57
CA HIS A 136 -3.53 -34.57 21.93
C HIS A 136 -4.00 -33.19 22.36
N LEU A 137 -5.16 -33.12 23.06
CA LEU A 137 -5.59 -31.81 23.63
C LEU A 137 -4.56 -31.34 24.65
N VAL A 138 -4.32 -30.03 24.73
CA VAL A 138 -3.54 -29.43 25.80
C VAL A 138 -4.48 -28.47 26.58
N ALA A 139 -3.95 -27.69 27.52
CA ALA A 139 -4.81 -26.75 28.22
C ALA A 139 -5.56 -25.81 27.24
N PRO A 140 -6.87 -25.60 27.47
CA PRO A 140 -7.61 -24.65 26.59
C PRO A 140 -7.33 -23.21 26.95
N MET A 141 -7.56 -22.28 26.01
CA MET A 141 -7.44 -20.85 26.34
C MET A 141 -8.51 -20.42 27.32
N LEU A 142 -8.29 -19.24 27.92
CA LEU A 142 -9.25 -18.68 28.82
C LEU A 142 -10.42 -18.08 28.05
N THR A 143 -10.25 -17.84 26.73
CA THR A 143 -11.28 -17.17 25.90
C THR A 143 -11.44 -17.95 24.58
N ARG A 144 -12.68 -18.09 24.13
CA ARG A 144 -12.95 -18.68 22.81
C ARG A 144 -12.49 -17.67 21.78
N ARG A 145 -11.70 -18.12 20.82
CA ARG A 145 -11.11 -17.22 19.80
C ARG A 145 -11.11 -17.90 18.41
N ILE A 146 -11.80 -17.26 17.47
CA ILE A 146 -11.62 -17.59 16.08
C ILE A 146 -11.04 -16.35 15.40
N GLY A 147 -10.36 -16.54 14.29
CA GLY A 147 -9.69 -15.41 13.59
C GLY A 147 -8.58 -14.87 14.49
N VAL A 148 -8.05 -15.76 15.32
CA VAL A 148 -7.05 -15.46 16.33
C VAL A 148 -5.70 -15.48 15.63
N GLY A 149 -4.78 -14.60 16.06
CA GLY A 149 -3.43 -14.62 15.46
C GLY A 149 -2.50 -15.31 16.45
N VAL A 150 -1.64 -16.19 15.95
CA VAL A 150 -0.68 -16.89 16.85
C VAL A 150 0.75 -16.69 16.42
N ALA A 151 1.63 -16.54 17.41
CA ALA A 151 3.06 -16.51 17.15
C ALA A 151 3.76 -17.00 18.39
N VAL A 152 5.00 -17.47 18.18
CA VAL A 152 5.78 -18.10 19.25
C VAL A 152 7.11 -17.35 19.33
N LEU A 153 7.46 -17.05 20.57
CA LEU A 153 8.70 -16.38 20.91
C LEU A 153 9.31 -17.05 22.13
N ASN A 154 10.51 -17.58 21.96
CA ASN A 154 11.26 -18.25 23.04
C ASN A 154 10.42 -19.32 23.72
N ARG A 155 9.71 -20.10 22.87
CA ARG A 155 8.90 -21.20 23.29
C ARG A 155 7.70 -20.82 24.12
N LEU A 156 7.28 -19.53 24.02
CA LEU A 156 5.99 -19.12 24.58
C LEU A 156 5.07 -18.83 23.43
N LEU A 157 3.88 -19.41 23.48
CA LEU A 157 2.94 -19.20 22.39
C LEU A 157 1.87 -18.15 22.78
N TYR A 158 1.64 -17.23 21.83
CA TYR A 158 0.77 -16.11 22.07
C TYR A 158 -0.45 -16.23 21.21
N ALA A 159 -1.62 -16.06 21.81
CA ALA A 159 -2.88 -16.07 21.04
C ALA A 159 -3.42 -14.69 21.18
N VAL A 160 -3.64 -14.01 20.06
CA VAL A 160 -3.89 -12.53 20.07
C VAL A 160 -5.18 -12.22 19.33
N GLY A 161 -6.09 -11.53 20.04
CA GLY A 161 -7.31 -11.03 19.43
C GLY A 161 -8.28 -12.13 18.97
N GLY A 162 -9.08 -11.82 17.96
CA GLY A 162 -10.02 -12.78 17.39
C GLY A 162 -11.46 -12.42 17.79
N PHE A 163 -12.34 -13.40 17.76
CA PHE A 163 -13.80 -13.22 17.95
C PHE A 163 -14.33 -14.37 18.79
N ASP A 164 -15.13 -14.07 19.80
CA ASP A 164 -15.50 -15.11 20.77
C ASP A 164 -16.91 -15.62 20.49
N GLY A 165 -17.47 -15.24 19.33
CA GLY A 165 -18.86 -15.69 19.02
C GLY A 165 -19.81 -14.50 19.08
N THR A 166 -19.49 -13.52 19.92
CA THR A 166 -20.34 -12.37 20.16
C THR A 166 -19.56 -11.10 19.90
N ASN A 167 -18.37 -11.00 20.50
CA ASN A 167 -17.50 -9.77 20.38
C ASN A 167 -16.10 -10.03 19.83
N ARG A 168 -15.57 -9.07 19.07
CA ARG A 168 -14.20 -9.10 18.66
C ARG A 168 -13.36 -8.59 19.83
N LEU A 169 -12.11 -8.99 19.83
CA LEU A 169 -11.33 -8.94 21.00
C LEU A 169 -10.06 -8.10 20.81
N ASN A 170 -9.76 -7.32 21.84
CA ASN A 170 -8.43 -6.75 22.00
C ASN A 170 -7.52 -7.55 22.96
N SER A 171 -8.10 -8.53 23.67
CA SER A 171 -7.34 -9.36 24.63
C SER A 171 -6.35 -10.32 23.97
N ALA A 172 -5.42 -10.78 24.78
CA ALA A 172 -4.42 -11.73 24.32
C ALA A 172 -3.97 -12.56 25.47
N GLU A 173 -3.43 -13.72 25.15
CA GLU A 173 -2.99 -14.64 26.21
C GLU A 173 -1.84 -15.49 25.73
N CYS A 174 -1.10 -16.09 26.67
CA CYS A 174 0.20 -16.70 26.44
C CYS A 174 0.22 -18.09 27.06
N TYR A 175 0.71 -19.02 26.28
CA TYR A 175 0.81 -20.42 26.67
C TYR A 175 2.24 -20.76 27.12
N TYR A 176 2.34 -21.29 28.36
CA TYR A 176 3.61 -21.71 28.98
C TYR A 176 3.66 -23.26 28.87
N PRO A 177 4.60 -23.81 28.09
CA PRO A 177 4.55 -25.24 27.73
C PRO A 177 4.95 -26.15 28.90
N GLU A 178 5.82 -25.69 29.81
CA GLU A 178 6.31 -26.63 30.83
C GLU A 178 5.15 -26.89 31.78
N ARG A 179 4.49 -25.84 32.17
CA ARG A 179 3.32 -25.95 33.03
C ARG A 179 2.00 -26.25 32.35
N ASN A 180 1.95 -26.08 31.02
CA ASN A 180 0.70 -26.36 30.24
C ASN A 180 -0.42 -25.50 30.76
N GLU A 181 -0.14 -24.18 30.81
CA GLU A 181 -1.05 -23.23 31.38
C GLU A 181 -1.13 -22.00 30.46
N TRP A 182 -2.32 -21.45 30.38
CA TRP A 182 -2.54 -20.17 29.70
C TRP A 182 -2.68 -19.03 30.72
N ARG A 183 -2.00 -17.93 30.43
CA ARG A 183 -2.08 -16.69 31.24
C ARG A 183 -2.38 -15.49 30.38
N MET A 184 -3.24 -14.62 30.87
CA MET A 184 -3.56 -13.40 30.19
C MET A 184 -2.33 -12.47 30.11
N ILE A 185 -2.19 -11.75 28.99
CA ILE A 185 -1.18 -10.67 28.88
C ILE A 185 -1.91 -9.33 28.66
N THR A 186 -1.16 -8.23 28.59
CA THR A 186 -1.80 -6.93 28.42
C THR A 186 -2.63 -6.99 27.11
N ALA A 187 -3.83 -6.43 27.16
CA ALA A 187 -4.66 -6.29 26.00
C ALA A 187 -4.04 -5.31 25.01
N MET A 188 -4.37 -5.49 23.72
CA MET A 188 -3.86 -4.56 22.66
C MET A 188 -4.59 -3.22 22.82
N ASN A 189 -4.11 -2.19 22.10
CA ASN A 189 -4.83 -0.92 22.05
C ASN A 189 -6.04 -0.96 21.15
N THR A 190 -6.09 -1.94 20.25
CA THR A 190 -7.18 -2.01 19.24
C THR A 190 -7.77 -3.39 19.27
N ILE A 191 -9.07 -3.45 19.10
CA ILE A 191 -9.82 -4.73 18.94
C ILE A 191 -9.38 -5.19 17.54
N ARG A 192 -8.97 -6.45 17.43
CA ARG A 192 -8.58 -6.97 16.12
C ARG A 192 -9.00 -8.42 16.03
N SER A 193 -9.88 -8.74 15.07
CA SER A 193 -10.06 -10.13 14.66
C SER A 193 -9.47 -10.25 13.23
N GLY A 194 -8.83 -11.37 12.91
CA GLY A 194 -8.33 -11.61 11.54
C GLY A 194 -7.14 -10.72 11.23
N ALA A 195 -6.33 -10.47 12.27
CA ALA A 195 -5.10 -9.74 12.12
C ALA A 195 -4.05 -10.76 11.66
N GLY A 196 -2.93 -10.22 11.17
CA GLY A 196 -1.70 -10.99 10.97
C GLY A 196 -0.89 -10.88 12.23
N VAL A 197 -0.42 -12.01 12.76
CA VAL A 197 0.38 -11.95 14.01
C VAL A 197 1.67 -12.66 13.75
N CYS A 198 2.77 -12.09 14.20
CA CYS A 198 4.09 -12.70 14.00
C CYS A 198 5.01 -12.16 15.07
N VAL A 199 6.26 -12.58 15.03
CA VAL A 199 7.25 -12.15 15.99
C VAL A 199 8.49 -11.63 15.21
N LEU A 200 9.06 -10.54 15.71
CA LEU A 200 10.26 -9.96 15.11
C LEU A 200 10.97 -9.17 16.18
N HIS A 201 12.22 -9.51 16.44
CA HIS A 201 13.11 -8.86 17.46
C HIS A 201 12.45 -8.73 18.82
N ASN A 202 11.96 -9.82 19.36
CA ASN A 202 11.60 -9.80 20.75
C ASN A 202 10.27 -9.11 21.08
N CYS A 203 9.52 -8.84 20.02
CA CYS A 203 8.19 -8.24 20.10
C CYS A 203 7.23 -9.14 19.32
N ILE A 204 5.99 -9.09 19.69
CA ILE A 204 4.93 -9.82 18.99
C ILE A 204 4.17 -8.78 18.24
N TYR A 205 4.02 -8.93 16.92
CA TYR A 205 3.25 -7.92 16.11
C TYR A 205 1.86 -8.38 15.78
N ALA A 206 0.92 -7.43 15.78
CA ALA A 206 -0.42 -7.62 15.30
C ALA A 206 -0.70 -6.55 14.28
N ALA A 207 -0.92 -6.99 13.02
CA ALA A 207 -1.13 -6.11 11.88
C ALA A 207 -2.46 -6.28 11.24
N GLY A 208 -3.12 -5.15 10.92
CA GLY A 208 -4.45 -5.18 10.33
C GLY A 208 -5.47 -5.90 11.16
N GLY A 209 -6.38 -6.63 10.49
CA GLY A 209 -7.59 -7.10 11.13
C GLY A 209 -8.83 -6.21 10.95
N TYR A 210 -9.86 -6.49 11.74
CA TYR A 210 -11.19 -5.96 11.61
C TYR A 210 -11.63 -5.70 13.03
N ASP A 211 -12.20 -4.51 13.29
CA ASP A 211 -12.50 -4.14 14.68
C ASP A 211 -13.99 -4.19 15.04
N GLY A 212 -14.80 -4.68 14.11
CA GLY A 212 -16.22 -4.58 14.24
C GLY A 212 -16.83 -3.47 13.41
N GLN A 213 -16.02 -2.48 13.04
CA GLN A 213 -16.53 -1.39 12.23
C GLN A 213 -15.80 -1.17 10.94
N ASP A 214 -14.50 -1.32 10.96
CA ASP A 214 -13.71 -1.23 9.74
C ASP A 214 -12.75 -2.39 9.66
N GLN A 215 -12.30 -2.67 8.43
CA GLN A 215 -10.95 -3.24 8.19
C GLN A 215 -9.86 -2.30 8.62
N LEU A 216 -8.77 -2.85 9.15
CA LEU A 216 -7.72 -1.99 9.74
C LEU A 216 -6.46 -1.95 8.98
N ASN A 217 -5.79 -0.78 9.00
CA ASN A 217 -4.39 -0.70 8.54
C ASN A 217 -3.32 -0.51 9.64
N SER A 218 -3.77 -0.22 10.87
CA SER A 218 -2.82 0.00 11.94
C SER A 218 -2.10 -1.29 12.27
N VAL A 219 -0.95 -1.10 12.87
CA VAL A 219 -0.09 -2.18 13.36
C VAL A 219 0.40 -1.81 14.75
N GLU A 220 0.46 -2.80 15.64
CA GLU A 220 1.06 -2.60 16.96
C GLU A 220 1.89 -3.78 17.40
N ARG A 221 2.84 -3.54 18.30
CA ARG A 221 3.67 -4.59 18.80
C ARG A 221 3.75 -4.65 20.32
N TYR A 222 4.03 -5.85 20.82
CA TYR A 222 4.04 -6.16 22.23
C TYR A 222 5.49 -6.50 22.63
N ASP A 223 6.02 -5.66 23.49
CA ASP A 223 7.36 -5.82 23.99
C ASP A 223 7.22 -6.67 25.24
N VAL A 224 7.83 -7.85 25.19
CA VAL A 224 7.68 -8.85 26.28
C VAL A 224 8.31 -8.32 27.58
N GLU A 225 9.41 -7.58 27.43
CA GLU A 225 10.07 -6.95 28.56
C GLU A 225 9.22 -5.95 29.31
N THR A 226 8.57 -5.03 28.58
CA THR A 226 7.75 -3.98 29.20
C THR A 226 6.29 -4.30 29.42
N GLU A 227 5.80 -5.36 28.77
CA GLU A 227 4.40 -5.77 28.82
C GLU A 227 3.50 -4.70 28.23
N THR A 228 4.03 -3.92 27.25
CA THR A 228 3.25 -2.82 26.66
C THR A 228 3.07 -3.05 25.16
N TRP A 229 1.90 -2.67 24.64
CA TRP A 229 1.62 -2.64 23.20
C TRP A 229 1.85 -1.18 22.66
N THR A 230 2.64 -1.04 21.59
CA THR A 230 2.88 0.27 21.02
C THR A 230 2.57 0.26 19.52
N PHE A 231 1.98 1.32 19.02
CA PHE A 231 1.76 1.45 17.58
C PHE A 231 3.06 1.68 16.81
N VAL A 232 3.15 1.07 15.63
CA VAL A 232 4.25 1.35 14.66
C VAL A 232 3.60 1.89 13.40
N ALA A 233 4.36 2.01 12.31
CA ALA A 233 3.78 2.52 11.06
C ALA A 233 2.67 1.67 10.55
N PRO A 234 1.54 2.32 10.13
CA PRO A 234 0.46 1.60 9.54
C PRO A 234 0.76 1.14 8.12
N MET A 235 0.01 0.14 7.66
CA MET A 235 0.16 -0.39 6.29
C MET A 235 -0.48 0.59 5.34
N LYS A 236 -0.18 0.49 4.03
CA LYS A 236 -0.88 1.31 3.07
C LYS A 236 -2.31 0.93 2.92
N HIS A 237 -2.53 -0.38 2.82
CA HIS A 237 -3.87 -0.83 2.57
C HIS A 237 -4.42 -1.46 3.83
N ARG A 238 -5.63 -1.06 4.20
CA ARG A 238 -6.35 -1.76 5.29
C ARG A 238 -6.59 -3.19 4.81
N ARG A 239 -6.55 -4.13 5.73
CA ARG A 239 -6.81 -5.52 5.33
C ARG A 239 -7.11 -6.40 6.52
N SER A 240 -8.04 -7.33 6.34
CA SER A 240 -8.34 -8.38 7.33
C SER A 240 -8.29 -9.74 6.67
N ALA A 241 -8.13 -10.78 7.50
CA ALA A 241 -7.91 -12.17 6.96
C ALA A 241 -6.72 -12.21 5.98
N LEU A 242 -5.65 -11.56 6.39
CA LEU A 242 -4.40 -11.51 5.65
C LEU A 242 -3.53 -12.66 6.06
N GLY A 243 -2.58 -12.98 5.20
CA GLY A 243 -1.50 -13.88 5.55
C GLY A 243 -0.32 -13.08 6.01
N ILE A 244 0.46 -13.67 6.87
CA ILE A 244 1.66 -12.98 7.40
C ILE A 244 2.84 -13.91 7.63
N THR A 245 4.05 -13.44 7.39
CA THR A 245 5.23 -14.17 7.81
C THR A 245 6.38 -13.20 8.07
N VAL A 246 7.49 -13.72 8.57
CA VAL A 246 8.71 -12.94 8.76
C VAL A 246 9.82 -13.60 7.93
N HIS A 247 10.43 -12.81 7.02
CA HIS A 247 11.56 -13.27 6.18
C HIS A 247 12.71 -12.26 6.27
N GLN A 248 13.82 -12.71 6.85
CA GLN A 248 15.07 -11.92 6.96
C GLN A 248 14.88 -10.53 7.57
N GLY A 249 14.17 -10.51 8.68
CA GLY A 249 13.96 -9.34 9.51
C GLY A 249 12.90 -8.42 8.99
N ARG A 250 12.11 -8.90 8.05
CA ARG A 250 11.02 -8.11 7.53
C ARG A 250 9.73 -8.90 7.58
N ILE A 251 8.66 -8.18 7.86
CA ILE A 251 7.34 -8.72 7.90
C ILE A 251 6.73 -8.61 6.52
N TYR A 252 6.20 -9.72 6.05
CA TYR A 252 5.43 -9.73 4.85
C TYR A 252 3.97 -9.93 5.17
N VAL A 253 3.12 -9.04 4.70
CA VAL A 253 1.68 -9.28 4.75
C VAL A 253 1.15 -9.58 3.33
N LEU A 254 0.26 -10.58 3.24
CA LEU A 254 -0.25 -11.09 1.95
C LEU A 254 -1.76 -11.12 1.79
N GLY A 255 -2.27 -10.41 0.76
CA GLY A 255 -3.70 -10.42 0.47
C GLY A 255 -4.56 -9.95 1.61
N GLY A 256 -5.76 -10.55 1.73
CA GLY A 256 -6.79 -10.04 2.63
C GLY A 256 -7.97 -9.39 1.89
N TYR A 257 -8.98 -8.99 2.66
CA TYR A 257 -10.16 -8.37 2.17
C TYR A 257 -10.09 -6.94 2.80
N ASP A 258 -10.52 -5.93 2.06
CA ASP A 258 -10.48 -4.56 2.57
C ASP A 258 -11.87 -3.89 2.65
N GLY A 259 -12.91 -4.69 2.54
CA GLY A 259 -14.28 -4.18 2.71
C GLY A 259 -14.98 -3.99 1.37
N HIS A 260 -14.20 -4.10 0.30
CA HIS A 260 -14.69 -3.95 -1.06
C HIS A 260 -14.16 -5.05 -1.95
N THR A 261 -12.83 -5.23 -1.97
CA THR A 261 -12.23 -6.30 -2.79
C THR A 261 -11.22 -7.21 -2.07
N PHE A 262 -10.79 -8.26 -2.80
CA PHE A 262 -9.77 -9.21 -2.38
C PHE A 262 -8.48 -8.70 -2.80
N LEU A 263 -7.57 -8.46 -1.88
CA LEU A 263 -6.22 -7.85 -2.19
C LEU A 263 -5.25 -8.79 -2.79
N ASP A 264 -4.49 -8.34 -3.82
CA ASP A 264 -3.33 -9.13 -4.29
C ASP A 264 -2.07 -8.51 -3.79
N SER A 265 -2.19 -7.33 -3.16
CA SER A 265 -1.02 -6.62 -2.69
C SER A 265 -0.24 -7.38 -1.64
N VAL A 266 1.08 -7.27 -1.77
CA VAL A 266 1.99 -7.77 -0.74
C VAL A 266 2.75 -6.54 -0.25
N GLU A 267 2.69 -6.23 1.05
CA GLU A 267 3.49 -5.15 1.67
C GLU A 267 4.53 -5.78 2.55
N CYS A 268 5.61 -5.05 2.74
CA CYS A 268 6.75 -5.52 3.47
C CYS A 268 7.20 -4.45 4.48
N TYR A 269 7.26 -4.79 5.78
CA TYR A 269 7.65 -3.82 6.86
C TYR A 269 9.10 -3.99 7.24
N ASP A 270 9.81 -2.87 7.35
CA ASP A 270 11.20 -2.89 7.74
C ASP A 270 11.19 -2.19 9.09
N PRO A 271 11.67 -2.88 10.16
CA PRO A 271 11.59 -2.32 11.51
C PRO A 271 12.63 -1.24 11.76
N ASP A 272 13.72 -1.22 10.98
CA ASP A 272 14.79 -0.23 11.17
C ASP A 272 14.35 1.14 10.74
N THR A 273 13.50 1.18 9.72
CA THR A 273 13.04 2.45 9.20
C THR A 273 11.60 2.74 9.52
N ASP A 274 10.85 1.71 9.98
CA ASP A 274 9.47 1.90 10.37
C ASP A 274 8.68 2.35 9.16
N THR A 275 8.86 1.61 8.05
CA THR A 275 8.19 1.88 6.77
C THR A 275 7.68 0.58 6.15
N TRP A 276 6.57 0.70 5.43
CA TRP A 276 5.99 -0.38 4.65
C TRP A 276 6.24 -0.06 3.17
N SER A 277 6.59 -1.08 2.41
CA SER A 277 6.67 -0.90 0.95
C SER A 277 5.96 -2.02 0.17
N GLU A 278 5.56 -1.69 -1.06
CA GLU A 278 4.94 -2.67 -1.89
C GLU A 278 5.99 -3.54 -2.53
N VAL A 279 5.76 -4.83 -2.55
CA VAL A 279 6.60 -5.83 -3.27
C VAL A 279 5.70 -6.62 -4.20
N THR A 280 6.28 -7.35 -5.14
CA THR A 280 5.54 -8.18 -6.11
C THR A 280 4.26 -8.78 -5.52
N ARG A 281 3.12 -8.39 -6.12
CA ARG A 281 1.87 -8.88 -5.64
C ARG A 281 1.57 -10.30 -6.06
N MET A 282 0.59 -10.91 -5.37
CA MET A 282 0.25 -12.30 -5.66
C MET A 282 -0.34 -12.43 -7.06
N THR A 283 -0.45 -13.66 -7.60
CA THR A 283 -0.91 -13.88 -8.97
C THR A 283 -2.42 -13.63 -9.07
N SER A 284 -3.10 -13.60 -7.92
CA SER A 284 -4.51 -13.19 -7.88
C SER A 284 -4.83 -12.78 -6.48
N GLY A 285 -5.79 -11.88 -6.35
CA GLY A 285 -6.24 -11.37 -5.04
C GLY A 285 -6.86 -12.50 -4.26
N ARG A 286 -6.64 -12.55 -2.93
CA ARG A 286 -7.31 -13.57 -2.14
C ARG A 286 -7.27 -13.28 -0.63
N SER A 287 -8.22 -13.86 0.09
CA SER A 287 -8.14 -13.77 1.58
C SER A 287 -8.00 -15.12 2.27
N GLY A 288 -7.72 -15.11 3.58
CA GLY A 288 -7.68 -16.37 4.38
C GLY A 288 -6.67 -17.42 4.00
N VAL A 289 -5.51 -16.99 3.53
CA VAL A 289 -4.42 -17.89 3.15
C VAL A 289 -3.71 -18.45 4.34
N GLY A 290 -3.14 -19.66 4.19
CA GLY A 290 -2.13 -20.10 5.14
C GLY A 290 -0.78 -19.74 4.65
N VAL A 291 0.04 -19.21 5.53
CA VAL A 291 1.39 -18.78 5.10
C VAL A 291 2.46 -19.29 6.05
N ALA A 292 3.58 -19.76 5.50
CA ALA A 292 4.77 -20.02 6.32
C ALA A 292 6.06 -19.85 5.44
N VAL A 293 7.21 -19.94 6.07
CA VAL A 293 8.48 -19.62 5.42
C VAL A 293 9.46 -20.72 5.75
N THR A 294 10.23 -21.12 4.75
CA THR A 294 11.22 -22.12 5.02
C THR A 294 12.20 -21.42 5.85
N GLY B 10 -4.81 27.88 17.99
CA GLY B 10 -3.80 28.63 17.22
C GLY B 10 -3.61 28.32 15.73
N ARG B 11 -2.34 28.09 15.42
CA ARG B 11 -1.83 28.11 14.08
C ARG B 11 -1.74 26.75 13.45
N LEU B 12 -1.73 26.78 12.12
CA LEU B 12 -1.64 25.54 11.33
C LEU B 12 -0.33 25.44 10.56
N ILE B 13 0.08 24.19 10.35
CA ILE B 13 1.26 23.86 9.55
C ILE B 13 0.72 23.40 8.21
N TYR B 14 1.00 24.15 7.16
CA TYR B 14 0.48 23.78 5.87
C TYR B 14 1.49 22.94 5.08
N THR B 15 1.01 21.88 4.44
CA THR B 15 1.84 21.15 3.46
C THR B 15 1.15 21.22 2.08
N ALA B 16 1.84 21.76 1.10
CA ALA B 16 1.29 21.91 -0.25
C ALA B 16 2.11 21.02 -1.20
N GLY B 17 1.41 20.33 -2.09
CA GLY B 17 2.07 19.49 -3.09
C GLY B 17 2.95 18.36 -2.54
N GLY B 18 4.02 18.05 -3.29
CA GLY B 18 4.90 16.94 -2.88
C GLY B 18 4.77 15.83 -3.90
N TYR B 19 5.35 14.67 -3.56
CA TYR B 19 5.51 13.61 -4.58
C TYR B 19 5.34 12.24 -3.96
N PHE B 20 4.49 11.46 -4.63
CA PHE B 20 4.26 10.03 -4.39
C PHE B 20 3.75 9.48 -5.72
N ARG B 21 4.59 8.74 -6.43
CA ARG B 21 4.29 8.25 -7.79
C ARG B 21 4.14 9.29 -8.86
N GLN B 22 3.72 10.50 -8.43
CA GLN B 22 3.61 11.65 -9.27
C GLN B 22 3.52 12.89 -8.36
N SER B 23 3.71 14.05 -8.97
CA SER B 23 3.60 15.32 -8.19
C SER B 23 2.13 15.39 -7.75
N LEU B 24 1.93 15.83 -6.53
CA LEU B 24 0.64 15.89 -5.88
C LEU B 24 0.00 17.27 -5.95
N SER B 25 -1.34 17.28 -5.80
CA SER B 25 -2.11 18.52 -5.74
C SER B 25 -2.60 18.85 -4.31
N TYR B 26 -2.18 18.05 -3.32
CA TYR B 26 -2.68 18.24 -1.97
C TYR B 26 -2.38 19.55 -1.34
N LEU B 27 -3.35 20.10 -0.63
CA LEU B 27 -3.07 21.11 0.40
C LEU B 27 -3.70 20.59 1.67
N GLU B 28 -2.88 20.33 2.70
CA GLU B 28 -3.45 19.83 4.00
C GLU B 28 -2.87 20.66 5.11
N ALA B 29 -3.58 20.71 6.25
CA ALA B 29 -3.19 21.57 7.37
C ALA B 29 -3.16 20.77 8.66
N TYR B 30 -2.02 20.81 9.36
CA TYR B 30 -1.85 20.09 10.63
C TYR B 30 -2.02 21.06 11.77
N ASN B 31 -2.85 20.64 12.72
CA ASN B 31 -3.06 21.36 13.97
C ASN B 31 -2.40 20.65 15.17
N PRO B 32 -1.18 21.04 15.55
CA PRO B 32 -0.43 20.32 16.62
C PRO B 32 -1.04 20.43 18.02
N SER B 33 -2.15 21.16 18.13
CA SER B 33 -2.97 21.24 19.33
C SER B 33 -3.69 19.90 19.61
N ASP B 34 -4.46 19.47 18.64
CA ASP B 34 -5.22 18.24 18.74
C ASP B 34 -4.69 17.09 17.85
N GLY B 35 -3.70 17.39 16.98
CA GLY B 35 -3.12 16.35 16.14
C GLY B 35 -4.03 15.96 14.99
N THR B 36 -4.92 16.86 14.57
CA THR B 36 -5.77 16.61 13.38
C THR B 36 -5.19 17.22 12.10
N TRP B 37 -5.40 16.50 11.01
CA TRP B 37 -5.10 16.97 9.69
C TRP B 37 -6.38 17.55 9.11
N LEU B 38 -6.35 18.19 7.93
CA LEU B 38 -7.52 18.89 7.45
C LEU B 38 -7.34 19.05 5.96
N ASP B 39 -8.23 18.52 5.16
CA ASP B 39 -8.04 18.66 3.72
C ASP B 39 -8.56 19.98 3.24
N LEU B 40 -7.66 20.80 2.69
CA LEU B 40 -8.10 22.09 2.08
C LEU B 40 -8.09 22.04 0.56
N ALA B 41 -8.45 23.16 -0.08
CA ALA B 41 -8.56 23.22 -1.56
C ALA B 41 -7.25 22.76 -2.26
N ASP B 42 -7.36 21.78 -3.12
CA ASP B 42 -6.25 21.31 -3.94
C ASP B 42 -5.61 22.44 -4.73
N LEU B 43 -4.32 22.29 -5.03
CA LEU B 43 -3.66 23.21 -5.91
C LEU B 43 -4.21 23.07 -7.30
N GLN B 44 -4.24 24.19 -7.99
CA GLN B 44 -4.68 24.17 -9.35
C GLN B 44 -3.82 23.36 -10.31
N VAL B 45 -2.49 23.38 -10.10
CA VAL B 45 -1.59 22.53 -10.87
C VAL B 45 -0.76 21.71 -9.88
N PRO B 46 -0.66 20.37 -10.08
CA PRO B 46 0.16 19.54 -9.14
C PRO B 46 1.61 19.98 -9.15
N ARG B 47 2.28 19.82 -8.03
CA ARG B 47 3.73 20.13 -8.02
C ARG B 47 4.46 19.55 -6.85
N SER B 48 5.73 19.19 -7.11
CA SER B 48 6.68 18.80 -6.06
C SER B 48 8.00 19.64 -6.25
N GLY B 49 8.84 19.64 -5.23
CA GLY B 49 10.07 20.46 -5.25
C GLY B 49 9.79 21.97 -5.15
N LEU B 50 8.60 22.30 -4.68
CA LEU B 50 8.22 23.72 -4.46
C LEU B 50 8.61 24.09 -3.02
N ALA B 51 8.36 25.35 -2.65
CA ALA B 51 8.53 25.74 -1.28
C ALA B 51 7.29 26.60 -0.94
N GLY B 52 6.99 26.62 0.33
CA GLY B 52 5.90 27.49 0.84
C GLY B 52 6.42 28.62 1.69
N CYS B 53 5.59 29.66 1.80
CA CYS B 53 5.84 30.78 2.71
C CYS B 53 4.45 31.40 3.00
N VAL B 54 4.43 32.29 3.99
CA VAL B 54 3.23 33.02 4.42
C VAL B 54 3.53 34.51 4.46
N VAL B 55 2.74 35.32 3.76
CA VAL B 55 2.86 36.80 3.79
C VAL B 55 1.45 37.42 4.02
N GLY B 56 1.32 38.18 5.12
CA GLY B 56 0.07 38.93 5.42
C GLY B 56 -1.14 38.04 5.59
N GLY B 57 -0.92 36.87 6.19
CA GLY B 57 -1.95 35.82 6.37
C GLY B 57 -2.28 34.90 5.20
N LEU B 58 -1.55 35.02 4.08
CA LEU B 58 -1.82 34.22 2.90
C LEU B 58 -0.67 33.27 2.61
N LEU B 59 -0.99 32.06 2.14
CA LEU B 59 -0.01 31.00 1.84
C LEU B 59 0.34 31.10 0.35
N TYR B 60 1.64 30.99 0.07
CA TYR B 60 2.06 31.00 -1.30
C TYR B 60 2.73 29.64 -1.58
N ALA B 61 2.49 29.12 -2.79
CA ALA B 61 3.22 27.99 -3.30
C ALA B 61 4.08 28.57 -4.41
N VAL B 62 5.39 28.29 -4.31
CA VAL B 62 6.34 28.81 -5.24
C VAL B 62 7.10 27.69 -5.93
N GLY B 63 7.15 27.74 -7.26
CA GLY B 63 8.07 26.97 -8.09
C GLY B 63 7.69 25.50 -8.05
N GLY B 64 8.73 24.66 -8.15
CA GLY B 64 8.59 23.20 -8.17
C GLY B 64 8.43 22.70 -9.58
N ARG B 65 7.78 21.56 -9.66
CA ARG B 65 7.61 20.92 -10.96
C ARG B 65 6.48 19.89 -10.90
N ASN B 66 5.79 19.79 -12.02
CA ASN B 66 4.77 18.75 -12.19
C ASN B 66 5.26 17.51 -12.95
N ASN B 67 5.66 16.53 -12.17
CA ASN B 67 6.23 15.29 -12.64
C ASN B 67 5.04 14.31 -12.71
N SER B 68 4.46 14.18 -13.88
CA SER B 68 3.32 13.25 -13.96
C SER B 68 3.52 12.22 -15.06
N PRO B 69 2.61 11.20 -15.11
CA PRO B 69 2.68 10.21 -16.17
C PRO B 69 2.69 10.89 -17.53
N ASP B 70 1.97 12.00 -17.61
CA ASP B 70 1.72 12.73 -18.82
C ASP B 70 2.93 13.55 -19.31
N GLY B 71 3.76 13.97 -18.36
CA GLY B 71 4.94 14.72 -18.68
C GLY B 71 5.53 15.35 -17.44
N ASN B 72 6.61 16.05 -17.67
CA ASN B 72 7.23 16.78 -16.62
C ASN B 72 7.53 18.21 -17.04
N THR B 73 7.09 19.16 -16.24
CA THR B 73 7.15 20.58 -16.59
C THR B 73 7.64 21.36 -15.36
N ASP B 74 8.79 22.04 -15.45
CA ASP B 74 9.26 22.85 -14.32
C ASP B 74 8.34 24.06 -14.24
N SER B 75 8.07 24.50 -13.01
CA SER B 75 7.06 25.52 -12.76
C SER B 75 7.68 26.85 -12.32
N SER B 76 7.35 27.95 -13.04
CA SER B 76 7.67 29.33 -12.65
C SER B 76 6.54 29.96 -11.89
N ALA B 77 5.54 29.14 -11.51
CA ALA B 77 4.33 29.69 -10.97
C ALA B 77 4.41 30.15 -9.51
N LEU B 78 3.62 31.18 -9.22
CA LEU B 78 3.35 31.61 -7.88
C LEU B 78 1.85 31.62 -7.74
N ASP B 79 1.36 31.04 -6.66
CA ASP B 79 -0.08 30.90 -6.48
C ASP B 79 -0.32 31.17 -5.03
N CYS B 80 -1.38 31.91 -4.76
CA CYS B 80 -1.64 32.42 -3.45
C CYS B 80 -2.91 31.78 -2.92
N TYR B 81 -2.83 31.23 -1.71
CA TYR B 81 -3.98 30.69 -0.98
C TYR B 81 -4.52 31.59 0.16
N ASN B 82 -5.84 31.78 0.16
CA ASN B 82 -6.51 32.51 1.24
C ASN B 82 -7.21 31.56 2.23
N PRO B 83 -6.70 31.43 3.47
CA PRO B 83 -7.29 30.42 4.44
C PRO B 83 -8.79 30.70 4.75
N MET B 84 -9.16 31.98 4.78
CA MET B 84 -10.53 32.43 5.07
C MET B 84 -11.53 31.98 4.01
N THR B 85 -11.09 31.94 2.78
CA THR B 85 -11.98 31.68 1.69
C THR B 85 -11.73 30.27 1.13
N ASN B 86 -10.60 29.70 1.56
CA ASN B 86 -10.11 28.39 1.10
C ASN B 86 -10.04 28.33 -0.43
N GLN B 87 -9.45 29.35 -1.01
CA GLN B 87 -9.30 29.46 -2.45
C GLN B 87 -7.88 29.84 -2.85
N TRP B 88 -7.45 29.33 -3.99
CA TRP B 88 -6.14 29.63 -4.52
C TRP B 88 -6.28 30.67 -5.61
N SER B 89 -5.32 31.58 -5.73
CA SER B 89 -5.33 32.52 -6.86
C SER B 89 -3.99 32.61 -7.54
N PRO B 90 -3.98 32.56 -8.88
CA PRO B 90 -2.68 32.78 -9.53
C PRO B 90 -2.11 34.21 -9.35
N CYS B 91 -0.76 34.26 -9.30
CA CYS B 91 -0.02 35.46 -9.23
C CYS B 91 0.83 35.58 -10.46
N ALA B 92 1.51 36.70 -10.61
CA ALA B 92 2.42 36.83 -11.73
C ALA B 92 3.49 35.77 -11.57
N PRO B 93 4.04 35.31 -12.69
CA PRO B 93 5.04 34.29 -12.50
C PRO B 93 6.50 34.79 -12.41
N MET B 94 7.42 33.89 -12.00
CA MET B 94 8.81 34.25 -11.86
C MET B 94 9.39 34.41 -13.26
N SER B 95 10.56 35.04 -13.34
CA SER B 95 11.26 35.14 -14.60
C SER B 95 11.59 33.79 -15.21
N VAL B 96 11.72 32.75 -14.38
CA VAL B 96 12.20 31.43 -14.79
C VAL B 96 11.55 30.33 -13.95
N PRO B 97 11.34 29.11 -14.52
CA PRO B 97 10.86 28.04 -13.65
C PRO B 97 11.95 27.67 -12.67
N ARG B 98 11.54 27.25 -11.47
CA ARG B 98 12.49 26.93 -10.34
C ARG B 98 12.06 25.69 -9.63
N ASN B 99 12.47 24.53 -10.15
CA ASN B 99 12.23 23.27 -9.37
C ASN B 99 13.31 23.07 -8.29
N ARG B 100 12.91 22.58 -7.10
CA ARG B 100 13.76 22.40 -5.93
C ARG B 100 14.30 23.78 -5.50
N ILE B 101 13.37 24.72 -5.40
CA ILE B 101 13.63 26.09 -5.03
C ILE B 101 13.73 26.22 -3.53
N GLY B 102 14.41 27.28 -3.03
CA GLY B 102 14.34 27.66 -1.61
C GLY B 102 13.66 29.04 -1.50
N VAL B 103 12.95 29.28 -0.39
CA VAL B 103 12.20 30.53 -0.31
C VAL B 103 12.36 31.06 1.11
N GLY B 104 12.52 32.38 1.22
CA GLY B 104 12.46 33.08 2.54
C GLY B 104 11.66 34.37 2.30
N VAL B 105 11.28 35.04 3.40
CA VAL B 105 10.51 36.27 3.35
C VAL B 105 11.33 37.39 4.04
N ILE B 106 11.47 38.55 3.39
CA ILE B 106 12.02 39.74 4.11
C ILE B 106 11.10 40.91 3.83
N ASP B 107 10.66 41.60 4.89
CA ASP B 107 9.91 42.88 4.75
C ASP B 107 8.68 42.70 3.84
N GLY B 108 7.94 41.62 4.05
CA GLY B 108 6.76 41.36 3.23
C GLY B 108 7.00 40.97 1.78
N HIS B 109 8.25 40.67 1.41
CA HIS B 109 8.53 40.23 0.07
C HIS B 109 9.03 38.77 -0.02
N ILE B 110 8.63 38.10 -1.11
CA ILE B 110 9.00 36.68 -1.26
C ILE B 110 10.25 36.58 -2.09
N TYR B 111 11.29 36.00 -1.48
CA TYR B 111 12.58 35.70 -2.14
C TYR B 111 12.60 34.26 -2.67
N ALA B 112 12.70 34.15 -3.99
CA ALA B 112 12.82 32.84 -4.62
C ALA B 112 14.30 32.66 -4.96
N VAL B 113 14.89 31.57 -4.44
CA VAL B 113 16.28 31.35 -4.51
C VAL B 113 16.63 30.02 -5.24
N GLY B 114 17.44 30.15 -6.30
CA GLY B 114 18.06 28.99 -6.96
C GLY B 114 17.01 28.11 -7.66
N GLY B 115 17.22 26.81 -7.58
CA GLY B 115 16.27 25.85 -8.18
C GLY B 115 16.68 25.56 -9.62
N SER B 116 15.99 24.60 -10.30
CA SER B 116 16.41 24.29 -11.64
C SER B 116 15.34 24.51 -12.69
N HIS B 117 15.79 24.61 -13.94
CA HIS B 117 14.93 24.57 -15.09
C HIS B 117 15.63 23.65 -16.10
N GLY B 118 15.21 22.42 -16.19
CA GLY B 118 15.92 21.48 -17.06
C GLY B 118 17.28 21.23 -16.51
N CYS B 119 18.26 21.28 -17.41
CA CYS B 119 19.63 21.17 -16.99
C CYS B 119 20.18 22.45 -16.32
N ILE B 120 19.41 23.53 -16.36
CA ILE B 120 19.88 24.85 -15.87
C ILE B 120 19.73 24.95 -14.34
N HIS B 121 20.86 25.05 -13.62
CA HIS B 121 20.89 25.18 -12.15
C HIS B 121 21.12 26.67 -11.85
N HIS B 122 20.09 27.38 -11.38
CA HIS B 122 20.20 28.83 -11.22
C HIS B 122 21.03 29.26 -9.99
N ASN B 123 21.83 30.28 -10.17
CA ASN B 123 22.28 31.11 -9.04
C ASN B 123 21.41 32.34 -8.86
N SER B 124 20.51 32.62 -9.83
CA SER B 124 19.67 33.81 -9.72
C SER B 124 18.68 33.69 -8.57
N VAL B 125 18.33 34.86 -8.10
CA VAL B 125 17.36 35.13 -7.06
C VAL B 125 16.45 36.30 -7.50
N GLU B 126 15.17 36.16 -7.22
CA GLU B 126 14.21 37.22 -7.46
C GLU B 126 13.21 37.42 -6.29
N ARG B 127 12.55 38.58 -6.29
CA ARG B 127 11.75 39.02 -5.19
C ARG B 127 10.41 39.47 -5.69
N TYR B 128 9.37 39.03 -5.00
CA TYR B 128 7.98 39.33 -5.36
C TYR B 128 7.40 40.33 -4.33
N GLU B 129 6.73 41.33 -4.87
CA GLU B 129 6.11 42.39 -4.09
C GLU B 129 4.61 42.20 -4.27
N PRO B 130 3.94 41.72 -3.24
CA PRO B 130 2.53 41.36 -3.35
C PRO B 130 1.67 42.60 -3.68
N GLU B 131 2.04 43.77 -3.15
CA GLU B 131 1.26 44.97 -3.33
C GLU B 131 1.14 45.40 -4.81
N ARG B 132 2.17 45.10 -5.59
CA ARG B 132 2.16 45.39 -7.02
C ARG B 132 2.06 44.15 -7.96
N ASP B 133 2.03 42.92 -7.41
CA ASP B 133 2.10 41.64 -8.22
C ASP B 133 3.24 41.67 -9.26
N GLU B 134 4.47 41.99 -8.80
CA GLU B 134 5.65 42.11 -9.65
C GLU B 134 6.85 41.34 -9.06
N TRP B 135 7.61 40.66 -9.94
CA TRP B 135 8.90 40.03 -9.59
C TRP B 135 10.04 40.83 -10.18
N HIS B 136 11.10 41.02 -9.39
CA HIS B 136 12.26 41.67 -9.93
C HIS B 136 13.42 40.83 -9.45
N LEU B 137 14.41 40.65 -10.30
CA LEU B 137 15.62 39.95 -9.94
C LEU B 137 16.37 40.79 -8.88
N VAL B 138 16.99 40.13 -7.92
CA VAL B 138 17.88 40.81 -7.00
C VAL B 138 19.25 40.23 -7.28
N ALA B 139 20.27 40.57 -6.50
CA ALA B 139 21.59 40.03 -6.82
C ALA B 139 21.59 38.49 -6.81
N PRO B 140 22.33 37.88 -7.74
CA PRO B 140 22.43 36.38 -7.71
C PRO B 140 23.37 35.89 -6.63
N MET B 141 23.17 34.64 -6.20
CA MET B 141 24.10 34.00 -5.27
C MET B 141 25.42 33.80 -5.97
N LEU B 142 26.43 33.54 -5.17
CA LEU B 142 27.79 33.26 -5.69
C LEU B 142 27.90 31.81 -6.27
N THR B 143 26.97 30.93 -5.83
CA THR B 143 26.92 29.51 -6.25
C THR B 143 25.52 29.11 -6.76
N ARG B 144 25.51 28.38 -7.88
CA ARG B 144 24.25 27.80 -8.39
C ARG B 144 23.80 26.76 -7.41
N ARG B 145 22.54 26.80 -6.99
CA ARG B 145 22.11 25.81 -5.99
C ARG B 145 20.69 25.36 -6.32
N ILE B 146 20.51 24.06 -6.44
CA ILE B 146 19.15 23.49 -6.39
C ILE B 146 19.07 22.63 -5.15
N GLY B 147 17.85 22.33 -4.65
CA GLY B 147 17.72 21.60 -3.42
C GLY B 147 18.31 22.39 -2.23
N VAL B 148 18.31 23.71 -2.36
CA VAL B 148 18.96 24.65 -1.40
C VAL B 148 17.97 24.91 -0.24
N GLY B 149 18.48 24.99 0.99
CA GLY B 149 17.57 25.26 2.14
C GLY B 149 17.70 26.75 2.48
N VAL B 150 16.59 27.42 2.73
CA VAL B 150 16.54 28.87 3.01
C VAL B 150 15.88 29.16 4.34
N ALA B 151 16.37 30.17 5.08
CA ALA B 151 15.69 30.62 6.28
C ALA B 151 16.24 32.02 6.57
N VAL B 152 15.45 32.77 7.34
CA VAL B 152 15.64 34.22 7.52
C VAL B 152 15.68 34.51 8.99
N LEU B 153 16.71 35.23 9.42
CA LEU B 153 16.86 35.60 10.81
C LEU B 153 17.29 37.08 10.81
N ASN B 154 16.53 37.93 11.50
CA ASN B 154 16.88 39.38 11.64
C ASN B 154 17.12 40.05 10.30
N ARG B 155 16.21 39.70 9.38
CA ARG B 155 16.16 40.14 8.04
C ARG B 155 17.39 39.79 7.20
N LEU B 156 18.21 38.81 7.64
CA LEU B 156 19.28 38.18 6.81
C LEU B 156 18.79 36.84 6.26
N LEU B 157 18.99 36.62 4.97
CA LEU B 157 18.50 35.37 4.34
C LEU B 157 19.67 34.45 4.04
N TYR B 158 19.56 33.23 4.56
CA TYR B 158 20.62 32.26 4.43
C TYR B 158 20.21 31.20 3.41
N ALA B 159 21.14 30.88 2.53
CA ALA B 159 20.94 29.78 1.50
C ALA B 159 21.99 28.78 1.89
N VAL B 160 21.58 27.53 2.13
CA VAL B 160 22.45 26.52 2.75
C VAL B 160 22.44 25.25 1.92
N GLY B 161 23.64 24.86 1.49
CA GLY B 161 23.92 23.58 0.77
C GLY B 161 23.23 23.56 -0.61
N GLY B 162 22.87 22.34 -1.04
CA GLY B 162 22.25 22.25 -2.37
C GLY B 162 23.20 21.54 -3.34
N PHE B 163 22.92 21.70 -4.62
CA PHE B 163 23.66 21.00 -5.68
C PHE B 163 23.85 21.95 -6.83
N ASP B 164 25.09 22.07 -7.33
CA ASP B 164 25.40 23.10 -8.33
C ASP B 164 25.35 22.50 -9.75
N GLY B 165 24.85 21.26 -9.87
CA GLY B 165 24.78 20.61 -11.20
C GLY B 165 25.86 19.58 -11.34
N THR B 166 26.91 19.67 -10.54
CA THR B 166 27.97 18.69 -10.58
C THR B 166 28.20 18.10 -9.21
N ASN B 167 28.23 18.97 -8.22
CA ASN B 167 28.50 18.54 -6.81
C ASN B 167 27.50 19.05 -5.82
N ARG B 168 27.25 18.23 -4.81
CA ARG B 168 26.50 18.64 -3.65
C ARG B 168 27.43 19.51 -2.81
N LEU B 169 26.86 20.36 -1.99
CA LEU B 169 27.60 21.46 -1.37
C LEU B 169 27.48 21.37 0.12
N ASN B 170 28.60 21.65 0.77
CA ASN B 170 28.57 21.98 2.18
C ASN B 170 28.55 23.48 2.40
N SER B 171 28.72 24.24 1.34
CA SER B 171 28.75 25.73 1.41
C SER B 171 27.41 26.41 1.72
N ALA B 172 27.53 27.68 2.17
CA ALA B 172 26.39 28.47 2.47
C ALA B 172 26.71 29.95 2.30
N GLU B 173 25.69 30.76 2.13
CA GLU B 173 25.88 32.19 1.91
C GLU B 173 24.68 32.93 2.45
N CYS B 174 24.84 34.23 2.70
CA CYS B 174 23.90 35.09 3.33
C CYS B 174 23.59 36.37 2.53
N TYR B 175 22.34 36.71 2.42
CA TYR B 175 21.85 37.82 1.65
C TYR B 175 21.57 39.02 2.56
N TYR B 176 22.23 40.14 2.25
CA TYR B 176 22.05 41.39 2.97
C TYR B 176 21.14 42.33 2.18
N PRO B 177 19.95 42.66 2.71
CA PRO B 177 19.00 43.27 1.80
C PRO B 177 19.20 44.74 1.51
N GLU B 178 19.64 45.53 2.49
CA GLU B 178 19.90 46.97 2.24
C GLU B 178 20.91 47.12 1.09
N ARG B 179 22.01 46.41 1.18
CA ARG B 179 23.01 46.45 0.09
C ARG B 179 22.75 45.61 -1.11
N ASN B 180 21.78 44.70 -1.00
CA ASN B 180 21.49 43.73 -2.05
C ASN B 180 22.75 42.93 -2.43
N GLU B 181 23.37 42.29 -1.45
CA GLU B 181 24.63 41.60 -1.63
C GLU B 181 24.59 40.23 -0.95
N TRP B 182 25.25 39.26 -1.58
CA TRP B 182 25.54 37.93 -0.98
C TRP B 182 26.97 37.78 -0.48
N ARG B 183 27.16 37.15 0.66
CA ARG B 183 28.49 36.92 1.21
C ARG B 183 28.51 35.50 1.74
N MET B 184 29.63 34.78 1.56
CA MET B 184 29.84 33.46 2.11
C MET B 184 29.74 33.49 3.61
N ILE B 185 29.24 32.40 4.17
CA ILE B 185 29.40 32.18 5.60
C ILE B 185 30.19 30.90 5.75
N THR B 186 30.43 30.49 7.00
CA THR B 186 31.21 29.29 7.25
C THR B 186 30.41 28.14 6.60
N ALA B 187 31.14 27.25 5.96
CA ALA B 187 30.58 26.05 5.39
C ALA B 187 30.13 25.08 6.50
N MET B 188 29.08 24.27 6.23
CA MET B 188 28.66 23.23 7.19
C MET B 188 29.77 22.18 7.31
N ASN B 189 29.66 21.35 8.33
CA ASN B 189 30.53 20.18 8.43
C ASN B 189 30.16 19.05 7.48
N THR B 190 28.93 19.08 7.01
CA THR B 190 28.40 18.00 6.12
C THR B 190 27.93 18.60 4.81
N ILE B 191 28.20 17.90 3.73
CA ILE B 191 27.62 18.17 2.40
C ILE B 191 26.14 17.81 2.50
N ARG B 192 25.25 18.75 2.16
CA ARG B 192 23.83 18.49 2.19
C ARG B 192 23.18 19.12 1.01
N SER B 193 22.53 18.31 0.19
CA SER B 193 21.50 18.85 -0.70
C SER B 193 20.15 18.31 -0.21
N GLY B 194 19.06 19.09 -0.38
CA GLY B 194 17.66 18.66 0.01
C GLY B 194 17.49 18.50 1.55
N ALA B 195 18.28 19.26 2.31
CA ALA B 195 18.09 19.36 3.75
C ALA B 195 16.93 20.25 4.05
N GLY B 196 16.42 20.18 5.28
CA GLY B 196 15.38 21.11 5.67
C GLY B 196 16.19 22.16 6.41
N VAL B 197 15.88 23.41 6.13
CA VAL B 197 16.59 24.56 6.75
C VAL B 197 15.57 25.45 7.39
N CYS B 198 15.85 25.83 8.62
CA CYS B 198 14.93 26.73 9.36
C CYS B 198 15.74 27.49 10.40
N VAL B 199 15.05 28.37 11.13
CA VAL B 199 15.71 29.14 12.18
C VAL B 199 14.97 29.00 13.53
N LEU B 200 15.76 28.87 14.57
CA LEU B 200 15.24 28.74 15.94
C LEU B 200 16.27 29.34 16.88
N HIS B 201 15.83 30.33 17.68
CA HIS B 201 16.67 30.94 18.73
C HIS B 201 18.08 31.30 18.26
N ASN B 202 18.20 32.22 17.30
CA ASN B 202 19.50 32.68 16.73
C ASN B 202 20.43 31.76 16.05
N CYS B 203 19.95 30.55 15.76
CA CYS B 203 20.78 29.58 15.07
C CYS B 203 20.06 29.16 13.79
N ILE B 204 20.85 28.86 12.74
CA ILE B 204 20.24 28.41 11.49
C ILE B 204 20.39 26.90 11.53
N TYR B 205 19.25 26.18 11.40
CA TYR B 205 19.36 24.71 11.36
C TYR B 205 19.34 24.10 9.94
N ALA B 206 20.20 23.11 9.73
CA ALA B 206 20.16 22.20 8.56
C ALA B 206 19.98 20.75 9.02
N ALA B 207 18.82 20.19 8.71
CA ALA B 207 18.48 18.81 9.09
C ALA B 207 18.38 17.86 7.89
N GLY B 208 19.04 16.71 7.96
CA GLY B 208 18.96 15.67 6.91
C GLY B 208 19.51 16.15 5.58
N GLY B 209 18.87 15.69 4.50
CA GLY B 209 19.35 15.89 3.12
C GLY B 209 20.18 14.69 2.65
N TYR B 210 21.09 14.95 1.72
CA TYR B 210 21.69 13.89 0.94
C TYR B 210 23.11 14.37 0.66
N ASP B 211 24.10 13.55 1.00
CA ASP B 211 25.51 14.02 0.86
C ASP B 211 26.19 13.57 -0.43
N GLY B 212 25.45 12.94 -1.35
CA GLY B 212 26.08 12.32 -2.51
C GLY B 212 26.31 10.83 -2.35
N GLN B 213 26.13 10.27 -1.14
CA GLN B 213 26.34 8.86 -0.83
C GLN B 213 25.11 8.29 -0.17
N ASP B 214 24.67 8.91 0.92
CA ASP B 214 23.45 8.52 1.64
C ASP B 214 22.51 9.63 2.01
N GLN B 215 21.23 9.27 2.13
CA GLN B 215 20.26 10.12 2.85
C GLN B 215 20.72 10.28 4.32
N LEU B 216 20.55 11.47 4.90
CA LEU B 216 21.10 11.79 6.24
C LEU B 216 20.07 11.90 7.35
N ASN B 217 20.44 11.50 8.56
CA ASN B 217 19.65 11.87 9.76
C ASN B 217 20.30 12.95 10.64
N SER B 218 21.61 13.19 10.44
CA SER B 218 22.33 14.29 11.17
C SER B 218 21.67 15.65 11.06
N VAL B 219 21.94 16.49 12.06
CA VAL B 219 21.33 17.82 12.16
C VAL B 219 22.41 18.71 12.75
N GLU B 220 22.61 19.88 12.15
CA GLU B 220 23.64 20.82 12.67
C GLU B 220 23.09 22.22 12.60
N ARG B 221 23.65 23.11 13.42
CA ARG B 221 23.07 24.46 13.51
C ARG B 221 24.16 25.56 13.52
N TYR B 222 23.85 26.70 12.94
CA TYR B 222 24.89 27.74 12.70
C TYR B 222 24.60 28.84 13.70
N ASP B 223 25.60 29.08 14.53
CA ASP B 223 25.48 30.13 15.56
C ASP B 223 26.00 31.40 14.89
N VAL B 224 25.08 32.33 14.66
CA VAL B 224 25.37 33.61 13.93
C VAL B 224 26.49 34.40 14.60
N GLU B 225 26.36 34.55 15.92
CA GLU B 225 27.40 35.14 16.80
C GLU B 225 28.80 34.48 16.68
N THR B 226 28.88 33.15 16.78
CA THR B 226 30.20 32.54 16.73
C THR B 226 30.64 32.17 15.36
N GLU B 227 29.68 32.12 14.41
CA GLU B 227 30.02 31.76 13.01
C GLU B 227 30.47 30.28 12.91
N THR B 228 29.93 29.41 13.78
CA THR B 228 30.35 28.00 13.82
C THR B 228 29.15 27.11 13.64
N TRP B 229 29.35 25.99 12.96
CA TRP B 229 28.26 24.98 12.82
C TRP B 229 28.49 23.88 13.86
N THR B 230 27.49 23.58 14.69
CA THR B 230 27.59 22.40 15.56
C THR B 230 26.46 21.38 15.35
N PHE B 231 26.79 20.11 15.51
CA PHE B 231 25.76 19.05 15.59
C PHE B 231 24.85 19.06 16.79
N VAL B 232 23.56 18.84 16.54
CA VAL B 232 22.60 18.62 17.62
C VAL B 232 22.18 17.14 17.51
N ALA B 233 21.13 16.73 18.23
CA ALA B 233 20.67 15.34 18.15
C ALA B 233 20.11 15.04 16.75
N PRO B 234 20.50 13.89 16.18
CA PRO B 234 19.97 13.48 14.88
C PRO B 234 18.49 13.05 14.91
N MET B 235 17.88 13.06 13.74
CA MET B 235 16.51 12.71 13.64
C MET B 235 16.44 11.20 13.83
N LYS B 236 15.26 10.69 14.15
CA LYS B 236 15.05 9.26 14.25
C LYS B 236 15.23 8.65 12.84
N HIS B 237 14.54 9.24 11.85
CA HIS B 237 14.61 8.67 10.50
C HIS B 237 15.42 9.56 9.52
N ARG B 238 16.47 9.00 8.93
CA ARG B 238 17.14 9.70 7.80
C ARG B 238 16.19 10.07 6.68
N ARG B 239 16.39 11.23 6.08
CA ARG B 239 15.44 11.76 5.10
C ARG B 239 16.05 12.88 4.24
N SER B 240 15.64 12.88 3.00
CA SER B 240 16.06 13.92 2.05
C SER B 240 14.80 14.43 1.42
N ALA B 241 14.85 15.70 0.98
CA ALA B 241 13.72 16.43 0.41
C ALA B 241 12.51 16.38 1.39
N LEU B 242 12.82 16.57 2.67
CA LEU B 242 11.84 16.76 3.76
C LEU B 242 11.29 18.19 3.73
N GLY B 243 10.09 18.34 4.27
CA GLY B 243 9.55 19.67 4.56
C GLY B 243 9.98 20.05 5.96
N ILE B 244 10.01 21.35 6.23
CA ILE B 244 10.45 21.79 7.56
C ILE B 244 9.73 23.12 7.95
N THR B 245 9.41 23.27 9.23
CA THR B 245 8.91 24.57 9.72
C THR B 245 9.21 24.63 11.18
N VAL B 246 8.93 25.81 11.77
CA VAL B 246 9.15 26.07 13.17
C VAL B 246 7.79 26.51 13.73
N HIS B 247 7.34 25.83 14.78
CA HIS B 247 6.01 26.15 15.38
C HIS B 247 6.20 26.13 16.89
N GLN B 248 5.93 27.27 17.54
CA GLN B 248 6.07 27.42 19.00
C GLN B 248 7.36 26.89 19.61
N GLY B 249 8.50 27.32 19.05
CA GLY B 249 9.84 26.96 19.62
C GLY B 249 10.24 25.53 19.30
N ARG B 250 9.47 24.90 18.41
CA ARG B 250 9.85 23.57 17.97
C ARG B 250 9.98 23.51 16.46
N ILE B 251 10.95 22.69 16.05
CA ILE B 251 11.17 22.35 14.63
C ILE B 251 10.36 21.11 14.23
N TYR B 252 9.50 21.24 13.22
CA TYR B 252 8.81 20.05 12.71
C TYR B 252 9.52 19.65 11.37
N VAL B 253 9.71 18.36 11.14
CA VAL B 253 10.17 17.81 9.83
C VAL B 253 9.08 16.85 9.26
N LEU B 254 8.75 17.00 7.98
CA LEU B 254 7.62 16.31 7.39
C LEU B 254 8.03 15.62 6.12
N GLY B 255 7.79 14.31 6.11
CA GLY B 255 8.10 13.49 4.96
C GLY B 255 9.56 13.37 4.53
N GLY B 256 9.71 13.19 3.22
CA GLY B 256 11.02 12.95 2.64
C GLY B 256 11.10 11.61 1.93
N TYR B 257 12.30 11.32 1.43
CA TYR B 257 12.64 10.03 0.84
C TYR B 257 13.86 9.57 1.60
N ASP B 258 13.95 8.26 1.87
CA ASP B 258 15.10 7.74 2.64
C ASP B 258 15.99 6.71 1.88
N GLY B 259 15.90 6.69 0.55
CA GLY B 259 16.66 5.68 -0.22
C GLY B 259 15.89 4.37 -0.45
N HIS B 260 14.69 4.28 0.12
CA HIS B 260 13.82 3.15 -0.07
C HIS B 260 12.41 3.56 -0.29
N THR B 261 11.83 4.33 0.68
CA THR B 261 10.46 4.75 0.53
C THR B 261 10.23 6.24 0.85
N PHE B 262 9.03 6.70 0.55
CA PHE B 262 8.52 8.01 0.95
C PHE B 262 7.92 8.03 2.34
N LEU B 263 8.47 8.88 3.21
CA LEU B 263 8.07 8.95 4.62
C LEU B 263 6.80 9.69 4.85
N ASP B 264 5.92 9.13 5.70
CA ASP B 264 4.75 9.88 6.14
C ASP B 264 4.94 10.49 7.52
N SER B 265 6.00 10.06 8.21
CA SER B 265 6.27 10.52 9.53
C SER B 265 6.66 12.00 9.65
N VAL B 266 6.19 12.58 10.75
CA VAL B 266 6.45 13.94 11.14
C VAL B 266 7.14 13.86 12.48
N GLU B 267 8.38 14.32 12.56
CA GLU B 267 9.10 14.48 13.84
C GLU B 267 9.20 15.96 14.27
N CYS B 268 9.37 16.14 15.58
CA CYS B 268 9.30 17.44 16.28
C CYS B 268 10.60 17.56 17.05
N TYR B 269 11.34 18.67 16.89
CA TYR B 269 12.54 18.88 17.68
C TYR B 269 12.29 19.98 18.75
N ASP B 270 12.83 19.74 19.93
CA ASP B 270 12.68 20.63 21.07
C ASP B 270 14.11 20.88 21.48
N PRO B 271 14.57 22.15 21.34
CA PRO B 271 15.96 22.50 21.63
C PRO B 271 16.31 22.44 23.12
N ASP B 272 15.31 22.70 23.95
CA ASP B 272 15.48 22.74 25.41
C ASP B 272 15.88 21.42 25.92
N THR B 273 15.40 20.38 25.23
CA THR B 273 15.61 19.00 25.64
C THR B 273 16.54 18.21 24.69
N ASP B 274 16.85 18.81 23.50
CA ASP B 274 17.71 18.25 22.47
C ASP B 274 17.15 16.87 22.09
N THR B 275 15.86 16.81 21.75
CA THR B 275 15.18 15.55 21.52
C THR B 275 14.16 15.69 20.40
N TRP B 276 14.15 14.69 19.52
CA TRP B 276 13.14 14.55 18.48
C TRP B 276 12.07 13.56 18.94
N SER B 277 10.82 13.81 18.56
CA SER B 277 9.71 12.94 18.89
C SER B 277 8.74 12.80 17.73
N GLU B 278 8.17 11.60 17.63
CA GLU B 278 7.15 11.37 16.65
C GLU B 278 5.91 12.12 16.97
N VAL B 279 5.27 12.66 15.96
CA VAL B 279 3.95 13.26 16.10
C VAL B 279 3.07 12.75 14.94
N THR B 280 1.77 12.96 15.04
CA THR B 280 0.85 12.53 13.98
C THR B 280 1.41 12.63 12.54
N ARG B 281 1.42 11.48 11.84
CA ARG B 281 1.91 11.29 10.50
C ARG B 281 1.04 11.99 9.53
N MET B 282 1.57 12.23 8.32
CA MET B 282 0.80 12.74 7.22
C MET B 282 -0.17 11.68 6.76
N THR B 283 -1.23 12.06 6.00
CA THR B 283 -2.22 11.12 5.54
C THR B 283 -1.61 10.09 4.52
N SER B 284 -0.55 10.51 3.81
CA SER B 284 0.22 9.61 2.91
C SER B 284 1.67 10.04 2.86
N GLY B 285 2.58 9.05 2.70
CA GLY B 285 4.05 9.28 2.54
C GLY B 285 4.34 10.18 1.34
N ARG B 286 5.25 11.18 1.47
CA ARG B 286 5.60 12.04 0.35
C ARG B 286 6.98 12.72 0.57
N SER B 287 7.61 13.10 -0.55
CA SER B 287 8.82 13.96 -0.47
C SER B 287 8.56 15.27 -1.21
N GLY B 288 9.50 16.24 -1.09
CA GLY B 288 9.40 17.44 -1.97
C GLY B 288 8.16 18.35 -1.76
N VAL B 289 7.67 18.37 -0.54
CA VAL B 289 6.50 19.24 -0.20
C VAL B 289 6.96 20.68 0.08
N GLY B 290 6.06 21.64 -0.20
CA GLY B 290 6.21 23.05 0.27
C GLY B 290 5.52 23.17 1.63
N VAL B 291 6.22 23.73 2.62
CA VAL B 291 5.68 23.84 3.98
C VAL B 291 5.76 25.30 4.50
N ALA B 292 4.75 25.77 5.25
CA ALA B 292 4.78 27.04 5.99
C ALA B 292 3.77 27.04 7.18
N VAL B 293 3.91 28.00 8.09
CA VAL B 293 3.05 28.03 9.25
C VAL B 293 2.37 29.41 9.33
N THR B 294 1.20 29.49 9.92
CA THR B 294 0.62 30.76 10.31
C THR B 294 -0.56 30.33 11.38
N GLN C 3 30.61 -2.11 -9.84
CA GLN C 3 29.97 -3.26 -10.51
C GLN C 3 28.47 -3.36 -10.14
N LEU C 4 27.67 -3.56 -11.17
CA LEU C 4 26.24 -3.74 -11.06
C LEU C 4 25.99 -5.16 -11.58
N VAL C 5 25.31 -5.99 -10.81
CA VAL C 5 24.97 -7.32 -11.30
C VAL C 5 23.47 -7.37 -11.46
N GLU C 6 23.02 -7.53 -12.70
CA GLU C 6 21.61 -7.68 -13.04
C GLU C 6 21.09 -9.10 -13.04
N SER C 7 19.77 -9.24 -12.78
CA SER C 7 19.08 -10.50 -12.90
C SER C 7 17.59 -10.21 -12.97
N GLY C 8 16.80 -11.26 -13.12
CA GLY C 8 15.34 -11.13 -13.14
C GLY C 8 14.65 -11.13 -14.49
N GLY C 9 15.40 -11.26 -15.60
CA GLY C 9 14.71 -11.36 -16.89
C GLY C 9 14.11 -12.72 -17.17
N GLY C 10 13.99 -13.05 -18.43
CA GLY C 10 13.46 -14.38 -18.81
C GLY C 10 12.46 -14.29 -19.93
N LEU C 11 11.76 -15.39 -20.18
CA LEU C 11 10.74 -15.42 -21.21
C LEU C 11 9.35 -15.42 -20.62
N VAL C 12 8.48 -14.57 -21.15
CA VAL C 12 7.12 -14.46 -20.63
C VAL C 12 6.19 -14.21 -21.79
N GLN C 13 4.91 -14.44 -21.54
CA GLN C 13 3.88 -14.17 -22.54
C GLN C 13 3.47 -12.68 -22.45
N PRO C 14 2.85 -12.11 -23.54
CA PRO C 14 2.25 -10.76 -23.37
C PRO C 14 1.26 -10.77 -22.19
N GLY C 15 1.12 -9.64 -21.50
CA GLY C 15 0.26 -9.55 -20.25
C GLY C 15 1.02 -10.01 -19.00
N GLY C 16 2.20 -10.60 -19.18
CA GLY C 16 2.96 -11.13 -18.05
C GLY C 16 3.72 -10.00 -17.32
N SER C 17 4.45 -10.41 -16.27
CA SER C 17 5.17 -9.47 -15.40
C SER C 17 6.52 -10.05 -15.09
N LEU C 18 7.51 -9.19 -14.87
CA LEU C 18 8.87 -9.65 -14.43
C LEU C 18 9.42 -8.55 -13.57
N ARG C 19 10.29 -8.87 -12.58
CA ARG C 19 10.98 -7.76 -11.83
C ARG C 19 12.49 -7.92 -12.03
N LEU C 20 13.14 -6.92 -12.66
CA LEU C 20 14.60 -6.93 -12.83
C LEU C 20 15.24 -6.37 -11.57
N SER C 21 16.37 -6.97 -11.20
CA SER C 21 17.20 -6.47 -10.09
C SER C 21 18.52 -5.96 -10.65
N CYS C 22 19.09 -5.00 -9.93
CA CYS C 22 20.36 -4.39 -10.26
C CYS C 22 21.07 -4.19 -8.93
N ALA C 23 21.90 -5.15 -8.58
CA ALA C 23 22.59 -5.22 -7.28
C ALA C 23 23.98 -4.56 -7.37
N ALA C 24 24.22 -3.56 -6.51
CA ALA C 24 25.49 -2.89 -6.45
C ALA C 24 26.49 -3.72 -5.65
N SER C 25 27.72 -3.62 -6.08
CA SER C 25 28.83 -4.39 -5.48
C SER C 25 30.05 -3.48 -5.26
N GLY C 26 30.30 -3.13 -4.00
CA GLY C 26 31.44 -2.31 -3.64
C GLY C 26 31.18 -0.81 -3.62
N PHE C 27 29.89 -0.43 -3.65
CA PHE C 27 29.46 0.96 -3.52
C PHE C 27 27.98 0.91 -3.18
N ALA C 28 27.45 2.03 -2.70
CA ALA C 28 26.05 2.14 -2.27
C ALA C 28 25.19 2.45 -3.49
N ILE C 29 24.10 1.71 -3.63
CA ILE C 29 23.13 1.99 -4.67
C ILE C 29 22.56 3.43 -4.53
N SER C 30 22.58 3.96 -3.30
CA SER C 30 22.11 5.32 -2.99
C SER C 30 23.02 6.45 -3.48
N ALA C 31 24.28 6.10 -3.82
CA ALA C 31 25.33 7.07 -4.21
C ALA C 31 25.21 7.54 -5.64
N SER C 32 24.08 7.28 -6.32
CA SER C 32 23.84 7.91 -7.61
C SER C 32 22.41 7.73 -8.07
N SER C 33 22.02 8.56 -9.03
CA SER C 33 20.84 8.29 -9.81
C SER C 33 21.08 6.94 -10.54
N ILE C 34 20.03 6.17 -10.68
CA ILE C 34 20.08 4.81 -11.35
C ILE C 34 19.17 4.93 -12.53
N HIS C 35 19.67 4.50 -13.70
CA HIS C 35 18.85 4.53 -14.92
C HIS C 35 18.70 3.08 -15.42
N TRP C 36 17.60 2.85 -16.13
CA TRP C 36 17.46 1.60 -16.94
C TRP C 36 17.41 2.04 -18.41
N VAL C 37 18.07 1.26 -19.26
CA VAL C 37 18.21 1.52 -20.68
C VAL C 37 18.05 0.14 -21.33
N ARG C 38 17.37 0.06 -22.47
CA ARG C 38 17.18 -1.24 -23.11
C ARG C 38 17.59 -1.19 -24.57
N GLN C 39 17.86 -2.36 -25.14
CA GLN C 39 18.36 -2.42 -26.51
C GLN C 39 17.62 -3.58 -27.14
N ALA C 40 16.65 -3.29 -28.00
CA ALA C 40 15.96 -4.35 -28.75
C ALA C 40 16.91 -5.15 -29.65
N PRO C 41 16.58 -6.43 -29.99
CA PRO C 41 17.55 -7.28 -30.74
C PRO C 41 17.95 -6.60 -32.05
N GLY C 42 19.28 -6.54 -32.26
CA GLY C 42 19.89 -5.84 -33.40
C GLY C 42 19.36 -4.46 -33.65
N LYS C 43 19.28 -3.67 -32.55
CA LYS C 43 18.60 -2.42 -32.67
C LYS C 43 19.25 -1.39 -31.75
N CYS C 44 18.57 -0.27 -31.54
CA CYS C 44 19.18 0.98 -31.10
C CYS C 44 18.93 1.12 -29.59
N LEU C 45 19.68 1.91 -28.85
CA LEU C 45 19.42 2.02 -27.43
C LEU C 45 18.24 2.95 -27.14
N GLU C 46 17.50 2.60 -26.08
CA GLU C 46 16.33 3.37 -25.64
C GLU C 46 16.35 3.48 -24.11
N TRP C 47 16.40 4.72 -23.66
CA TRP C 47 16.34 5.01 -22.24
C TRP C 47 14.94 4.67 -21.76
N VAL C 48 14.84 4.06 -20.58
CA VAL C 48 13.58 3.49 -20.02
C VAL C 48 13.08 4.25 -18.78
N ALA C 49 13.98 4.49 -17.83
CA ALA C 49 13.58 5.00 -16.50
C ALA C 49 14.75 5.54 -15.71
N SER C 50 14.42 6.45 -14.80
CA SER C 50 15.41 6.92 -13.83
C SER C 50 14.81 7.16 -12.43
N ILE C 51 15.69 7.12 -11.43
CA ILE C 51 15.33 7.46 -10.06
C ILE C 51 16.41 8.35 -9.43
N ASP C 52 15.95 9.43 -8.81
CA ASP C 52 16.85 10.40 -8.13
C ASP C 52 16.92 10.05 -6.62
N PRO C 53 18.11 9.71 -6.09
CA PRO C 53 18.18 9.31 -4.69
C PRO C 53 17.95 10.49 -3.69
N GLU C 54 18.05 11.71 -4.18
CA GLU C 54 17.81 12.83 -3.30
C GLU C 54 16.31 13.05 -3.04
N THR C 55 15.46 12.86 -4.06
CA THR C 55 14.06 13.16 -3.95
C THR C 55 13.20 11.88 -4.00
N GLY C 56 13.78 10.76 -4.45
CA GLY C 56 12.96 9.57 -4.80
C GLY C 56 12.19 9.64 -6.12
N GLU C 57 12.21 10.81 -6.79
CA GLU C 57 11.36 10.97 -8.00
C GLU C 57 11.87 10.12 -9.19
N THR C 58 10.89 9.60 -9.93
CA THR C 58 11.13 8.75 -11.10
C THR C 58 10.66 9.40 -12.38
N LEU C 59 11.23 8.95 -13.49
CA LEU C 59 10.87 9.37 -14.80
C LEU C 59 10.88 8.16 -15.65
N TYR C 60 9.97 8.13 -16.64
CA TYR C 60 9.84 6.94 -17.52
C TYR C 60 9.71 7.39 -18.96
N ALA C 61 10.24 6.59 -19.86
CA ALA C 61 9.95 6.81 -21.26
C ALA C 61 8.46 6.62 -21.51
N LYS C 62 7.95 7.38 -22.48
CA LYS C 62 6.48 7.30 -22.78
C LYS C 62 5.96 5.92 -23.08
N SER C 63 6.78 5.09 -23.74
CA SER C 63 6.40 3.71 -24.12
C SER C 63 6.14 2.74 -22.94
N VAL C 64 6.59 3.09 -21.72
CA VAL C 64 6.50 2.20 -20.59
C VAL C 64 5.80 2.87 -19.40
N ALA C 65 5.46 4.14 -19.53
CA ALA C 65 4.74 4.82 -18.43
C ALA C 65 3.45 4.11 -17.98
N GLY C 66 3.31 3.97 -16.65
CA GLY C 66 2.16 3.28 -16.00
C GLY C 66 2.33 1.77 -16.01
N ARG C 67 3.31 1.23 -16.75
CA ARG C 67 3.49 -0.24 -16.73
C ARG C 67 4.72 -0.65 -15.95
N PHE C 68 5.76 0.17 -16.01
CA PHE C 68 7.09 -0.11 -15.37
C PHE C 68 7.27 0.84 -14.18
N THR C 69 7.89 0.33 -13.09
CA THR C 69 8.16 1.09 -11.90
C THR C 69 9.62 0.83 -11.52
N ILE C 70 10.38 1.93 -11.38
CA ILE C 70 11.78 1.86 -10.94
C ILE C 70 11.81 2.16 -9.46
N SER C 71 12.67 1.47 -8.72
CA SER C 71 12.78 1.76 -7.30
C SER C 71 14.17 1.36 -6.80
N ALA C 72 14.49 1.74 -5.57
CA ALA C 72 15.74 1.37 -4.93
C ALA C 72 15.46 0.89 -3.50
N ASP C 73 16.31 0.02 -2.99
CA ASP C 73 16.25 -0.38 -1.61
C ASP C 73 17.66 -0.38 -1.10
N THR C 74 17.94 0.69 -0.37
CA THR C 74 19.27 0.96 0.11
C THR C 74 19.75 -0.10 1.11
N SER C 75 18.82 -0.67 1.89
CA SER C 75 19.15 -1.81 2.79
C SER C 75 19.54 -3.10 2.10
N LYS C 76 18.94 -3.35 0.95
CA LYS C 76 19.37 -4.50 0.16
C LYS C 76 20.43 -4.10 -0.89
N ASN C 77 20.82 -2.82 -0.87
CA ASN C 77 21.75 -2.27 -1.82
C ASN C 77 21.45 -2.69 -3.29
N THR C 78 20.17 -2.60 -3.66
CA THR C 78 19.70 -3.13 -4.95
C THR C 78 18.62 -2.19 -5.49
N ALA C 79 18.64 -1.99 -6.83
CA ALA C 79 17.53 -1.22 -7.49
C ALA C 79 16.75 -2.19 -8.35
N TYR C 80 15.52 -1.82 -8.70
CA TYR C 80 14.62 -2.75 -9.40
C TYR C 80 13.89 -2.05 -10.53
N LEU C 81 13.45 -2.86 -11.48
CA LEU C 81 12.50 -2.38 -12.50
C LEU C 81 11.38 -3.43 -12.56
N GLN C 82 10.25 -3.06 -11.98
CA GLN C 82 9.05 -3.90 -12.01
C GLN C 82 8.35 -3.69 -13.32
N MET C 83 8.18 -4.76 -14.09
CA MET C 83 7.66 -4.60 -15.43
C MET C 83 6.31 -5.31 -15.48
N ASN C 84 5.23 -4.54 -15.57
CA ASN C 84 3.89 -5.18 -15.68
C ASN C 84 3.31 -5.04 -17.07
N SER C 85 2.26 -5.82 -17.34
CA SER C 85 1.45 -5.79 -18.64
C SER C 85 2.44 -5.78 -19.83
N LEU C 86 3.33 -6.79 -19.88
CA LEU C 86 4.40 -6.78 -20.84
C LEU C 86 3.83 -6.97 -22.24
N ARG C 87 4.54 -6.44 -23.21
CA ARG C 87 4.17 -6.57 -24.60
C ARG C 87 5.41 -7.03 -25.41
N ALA C 88 5.16 -7.61 -26.57
CA ALA C 88 6.21 -8.08 -27.42
C ALA C 88 7.31 -7.05 -27.64
N GLU C 89 6.93 -5.78 -27.83
CA GLU C 89 7.92 -4.73 -28.15
C GLU C 89 8.73 -4.35 -26.95
N ASP C 90 8.41 -4.92 -25.77
CA ASP C 90 9.33 -4.78 -24.58
C ASP C 90 10.57 -5.70 -24.67
N THR C 91 10.52 -6.68 -25.56
CA THR C 91 11.67 -7.62 -25.71
C THR C 91 12.99 -6.89 -25.93
N ALA C 92 13.98 -7.18 -25.10
CA ALA C 92 15.23 -6.43 -25.22
C ALA C 92 16.22 -6.96 -24.26
N VAL C 93 17.49 -6.59 -24.44
CA VAL C 93 18.45 -6.70 -23.31
C VAL C 93 18.26 -5.41 -22.44
N TYR C 94 18.00 -5.58 -21.16
CA TYR C 94 17.91 -4.39 -20.19
C TYR C 94 19.21 -4.21 -19.42
N TYR C 95 19.69 -2.95 -19.43
CA TYR C 95 20.84 -2.58 -18.69
C TYR C 95 20.39 -1.60 -17.58
N CYS C 96 21.00 -1.77 -16.42
CA CYS C 96 20.92 -0.65 -15.44
C CYS C 96 22.27 0.08 -15.44
N ALA C 97 22.29 1.32 -14.98
CA ALA C 97 23.48 2.15 -15.00
C ALA C 97 23.44 3.18 -13.92
N ARG C 98 24.60 3.49 -13.34
CA ARG C 98 24.67 4.69 -12.52
C ARG C 98 24.81 5.86 -13.46
N ALA C 99 24.23 7.01 -13.09
CA ALA C 99 24.18 8.20 -13.97
C ALA C 99 24.95 9.29 -13.27
N TYR C 100 25.88 9.87 -13.97
CA TYR C 100 26.85 10.82 -13.46
C TYR C 100 26.39 12.20 -13.89
N ALA C 101 26.36 13.15 -12.96
CA ALA C 101 25.92 14.51 -13.28
C ALA C 101 27.15 15.34 -13.73
N GLY C 102 27.11 15.84 -14.94
CA GLY C 102 28.15 16.69 -15.45
C GLY C 102 27.51 17.98 -15.85
N ASP C 103 27.66 18.99 -14.99
CA ASP C 103 27.18 20.32 -15.25
C ASP C 103 25.66 20.34 -15.56
N GLY C 104 24.88 19.66 -14.74
CA GLY C 104 23.44 19.79 -14.90
C GLY C 104 22.82 18.72 -15.76
N VAL C 105 23.65 17.92 -16.43
CA VAL C 105 23.11 16.85 -17.27
C VAL C 105 23.68 15.53 -16.89
N TYR C 106 22.92 14.48 -17.19
CA TYR C 106 23.25 13.13 -16.73
C TYR C 106 23.79 12.24 -17.85
N TYR C 107 24.85 11.52 -17.50
CA TYR C 107 25.47 10.53 -18.40
C TYR C 107 25.61 9.18 -17.71
N ALA C 108 25.48 8.09 -18.43
CA ALA C 108 25.63 6.76 -17.80
C ALA C 108 27.06 6.31 -17.78
N ASP C 109 27.72 6.37 -16.62
CA ASP C 109 29.14 6.06 -16.55
C ASP C 109 29.49 4.64 -16.14
N VAL C 110 28.61 3.98 -15.39
CA VAL C 110 28.90 2.61 -14.91
C VAL C 110 27.68 1.75 -15.31
N TRP C 111 27.89 0.68 -16.07
CA TRP C 111 26.75 -0.15 -16.55
C TRP C 111 26.83 -1.57 -16.02
N GLY C 112 25.65 -2.16 -15.80
CA GLY C 112 25.52 -3.60 -15.55
C GLY C 112 25.70 -4.40 -16.81
N GLN C 113 25.69 -5.71 -16.68
CA GLN C 113 26.05 -6.63 -17.78
C GLN C 113 24.90 -6.83 -18.78
N GLY C 114 23.70 -6.45 -18.36
CA GLY C 114 22.51 -6.65 -19.20
C GLY C 114 21.80 -7.94 -18.82
N THR C 115 20.47 -7.92 -18.88
CA THR C 115 19.69 -9.13 -18.66
C THR C 115 18.63 -9.20 -19.77
N LEU C 116 18.45 -10.39 -20.33
CA LEU C 116 17.54 -10.55 -21.49
C LEU C 116 16.09 -10.74 -21.01
N VAL C 117 15.17 -9.99 -21.65
CA VAL C 117 13.74 -10.11 -21.46
C VAL C 117 13.14 -10.42 -22.84
N THR C 118 12.50 -11.57 -22.99
CA THR C 118 11.82 -11.92 -24.21
C THR C 118 10.31 -12.13 -23.92
N VAL C 119 9.47 -11.35 -24.62
CA VAL C 119 8.02 -11.40 -24.47
C VAL C 119 7.48 -11.92 -25.77
N SER C 120 6.85 -13.08 -25.71
CA SER C 120 6.43 -13.73 -26.97
C SER C 120 5.19 -14.59 -26.76
N SER C 121 4.27 -14.56 -27.73
CA SER C 121 3.04 -15.39 -27.69
C SER C 121 3.12 -16.55 -28.71
N GLY C 140 9.20 10.82 -33.03
CA GLY C 140 8.40 12.03 -33.33
C GLY C 140 8.30 12.84 -32.09
N SER C 141 8.47 14.15 -32.11
CA SER C 141 8.57 15.00 -30.88
C SER C 141 9.82 14.77 -29.99
N ASP C 142 10.49 13.62 -30.10
CA ASP C 142 11.76 13.40 -29.35
C ASP C 142 12.93 13.93 -30.19
N ILE C 143 13.98 14.36 -29.52
CA ILE C 143 15.13 14.73 -30.26
C ILE C 143 15.75 13.50 -30.98
N GLN C 144 15.94 13.62 -32.29
CA GLN C 144 16.61 12.59 -33.07
C GLN C 144 18.11 12.82 -33.07
N MET C 145 18.87 11.75 -32.87
CA MET C 145 20.31 11.78 -33.00
C MET C 145 20.68 10.86 -34.18
N THR C 146 20.96 11.48 -35.33
CA THR C 146 21.14 10.71 -36.53
C THR C 146 22.63 10.43 -36.70
N GLN C 147 22.96 9.16 -36.68
CA GLN C 147 24.30 8.70 -36.98
C GLN C 147 24.40 8.08 -38.35
N SER C 148 25.30 8.67 -39.12
CA SER C 148 25.67 8.17 -40.44
C SER C 148 27.18 8.20 -40.53
N PRO C 149 27.83 7.18 -41.13
CA PRO C 149 27.22 5.99 -41.67
C PRO C 149 26.85 5.03 -40.57
N SER C 150 25.91 4.14 -40.87
CA SER C 150 25.53 3.11 -39.89
C SER C 150 26.66 2.09 -39.67
N SER C 151 27.50 1.90 -40.68
CA SER C 151 28.66 1.03 -40.59
C SER C 151 29.79 1.63 -41.44
N LEU C 152 31.02 1.32 -41.03
CA LEU C 152 32.24 1.88 -41.59
C LEU C 152 33.34 0.83 -41.49
N SER C 153 34.04 0.57 -42.59
CA SER C 153 35.12 -0.43 -42.52
C SER C 153 36.42 0.31 -42.45
N ALA C 154 37.36 -0.26 -41.72
CA ALA C 154 38.63 0.40 -41.49
C ALA C 154 39.67 -0.66 -41.14
N SER C 155 40.90 -0.20 -41.18
CA SER C 155 42.06 -0.98 -40.85
C SER C 155 42.68 -0.39 -39.63
N VAL C 156 43.32 -1.25 -38.86
CA VAL C 156 44.21 -0.80 -37.78
C VAL C 156 45.16 0.31 -38.24
N GLY C 157 45.21 1.40 -37.46
CA GLY C 157 46.04 2.52 -37.82
C GLY C 157 45.32 3.66 -38.47
N ASP C 158 44.09 3.43 -38.94
CA ASP C 158 43.31 4.50 -39.59
C ASP C 158 42.86 5.56 -38.59
N ARG C 159 42.76 6.77 -39.08
CA ARG C 159 42.09 7.84 -38.39
C ARG C 159 40.65 7.66 -38.77
N VAL C 160 39.77 7.59 -37.78
CA VAL C 160 38.34 7.40 -37.98
C VAL C 160 37.57 8.61 -37.40
N THR C 161 36.60 9.10 -38.15
CA THR C 161 35.76 10.25 -37.79
C THR C 161 34.32 9.80 -37.97
N ILE C 162 33.48 9.90 -36.92
CA ILE C 162 32.05 9.62 -37.03
C ILE C 162 31.25 10.76 -36.51
N THR C 163 30.12 11.01 -37.14
CA THR C 163 29.37 12.20 -36.78
C THR C 163 27.96 11.82 -36.36
N CYS C 164 27.32 12.76 -35.68
CA CYS C 164 26.02 12.54 -35.13
C CYS C 164 25.33 13.87 -35.11
N ARG C 165 24.20 13.91 -35.78
CA ARG C 165 23.51 15.16 -35.96
C ARG C 165 22.23 15.20 -35.11
N ALA C 166 22.13 16.17 -34.22
CA ALA C 166 20.96 16.35 -33.39
C ALA C 166 19.88 17.07 -34.20
N SER C 167 18.61 16.67 -34.01
CA SER C 167 17.45 17.28 -34.72
C SER C 167 17.09 18.71 -34.30
N GLN C 168 17.56 19.12 -33.12
CA GLN C 168 17.54 20.51 -32.69
C GLN C 168 18.71 20.74 -31.73
N SER C 169 18.86 21.97 -31.24
CA SER C 169 19.96 22.25 -30.28
C SER C 169 19.85 21.36 -29.03
N VAL C 170 20.99 20.80 -28.67
CA VAL C 170 21.12 20.05 -27.44
C VAL C 170 22.28 20.66 -26.62
N SER C 171 22.63 21.91 -26.93
CA SER C 171 23.77 22.60 -26.30
C SER C 171 25.00 21.65 -26.41
N SER C 172 25.73 21.40 -25.31
CA SER C 172 26.81 20.48 -25.31
C SER C 172 26.48 19.21 -24.54
N ALA C 173 25.19 18.93 -24.35
CA ALA C 173 24.76 17.80 -23.49
C ALA C 173 24.78 16.45 -24.26
N VAL C 174 25.97 16.07 -24.76
CA VAL C 174 26.14 14.90 -25.69
C VAL C 174 27.27 14.02 -25.16
N ALA C 175 27.03 12.71 -25.24
CA ALA C 175 28.02 11.76 -24.83
C ALA C 175 28.18 10.78 -25.95
N TRP C 176 29.38 10.19 -25.99
CA TRP C 176 29.69 9.08 -26.88
C TRP C 176 29.97 7.83 -26.10
N TYR C 177 29.39 6.72 -26.56
CA TYR C 177 29.64 5.42 -25.89
C TYR C 177 30.27 4.45 -26.91
N GLN C 178 31.11 3.55 -26.38
CA GLN C 178 31.62 2.41 -27.16
C GLN C 178 30.94 1.15 -26.72
N GLN C 179 30.37 0.40 -27.65
CA GLN C 179 29.81 -0.91 -27.29
C GLN C 179 30.44 -2.01 -28.14
N LYS C 180 31.17 -2.88 -27.50
CA LYS C 180 31.63 -4.16 -28.13
C LYS C 180 30.49 -5.18 -28.08
N PRO C 181 30.30 -5.97 -29.16
CA PRO C 181 29.17 -6.93 -29.22
C PRO C 181 29.02 -7.77 -27.95
N GLY C 182 27.75 -8.03 -27.60
CA GLY C 182 27.39 -8.72 -26.37
C GLY C 182 27.64 -8.05 -25.03
N LYS C 183 28.39 -6.94 -25.00
CA LYS C 183 28.86 -6.29 -23.77
C LYS C 183 28.06 -4.99 -23.55
N ALA C 184 28.05 -4.50 -22.30
CA ALA C 184 27.47 -3.15 -21.99
C ALA C 184 28.17 -1.99 -22.68
N PRO C 185 27.42 -0.96 -23.08
CA PRO C 185 28.03 0.29 -23.47
C PRO C 185 29.05 0.78 -22.42
N LYS C 186 30.11 1.43 -22.90
CA LYS C 186 31.13 2.10 -22.06
C LYS C 186 31.20 3.59 -22.42
N LEU C 187 31.12 4.46 -21.42
CA LEU C 187 31.16 5.95 -21.63
C LEU C 187 32.55 6.42 -22.05
N LEU C 188 32.67 7.12 -23.18
CA LEU C 188 33.95 7.63 -23.64
C LEU C 188 34.11 9.11 -23.37
N ILE C 189 33.08 9.84 -23.74
CA ILE C 189 33.16 11.27 -23.77
C ILE C 189 31.84 11.81 -23.26
N TYR C 190 31.90 12.91 -22.51
CA TYR C 190 30.64 13.57 -22.07
C TYR C 190 30.83 15.08 -22.21
N SER C 191 29.73 15.80 -22.16
CA SER C 191 29.66 17.28 -22.39
C SER C 191 30.31 17.59 -23.73
N ALA C 192 30.04 16.77 -24.73
CA ALA C 192 30.62 16.85 -26.11
C ALA C 192 32.07 16.50 -26.28
N SER C 193 32.93 17.03 -25.39
CA SER C 193 34.36 16.96 -25.61
C SER C 193 35.21 16.55 -24.41
N SER C 194 34.59 16.30 -23.26
CA SER C 194 35.33 15.79 -22.05
C SER C 194 35.53 14.30 -22.05
N LEU C 195 36.81 13.88 -21.98
CA LEU C 195 37.16 12.48 -21.87
C LEU C 195 36.80 11.95 -20.47
N TYR C 196 36.13 10.81 -20.40
CA TYR C 196 35.89 10.20 -19.12
C TYR C 196 37.18 9.51 -18.67
N SER C 197 37.34 9.33 -17.36
CA SER C 197 38.48 8.55 -16.86
C SER C 197 38.47 7.11 -17.41
N GLY C 198 39.64 6.52 -17.49
CA GLY C 198 39.80 5.16 -18.07
C GLY C 198 39.69 5.13 -19.62
N VAL C 199 39.69 6.28 -20.29
CA VAL C 199 39.58 6.30 -21.74
C VAL C 199 40.86 6.77 -22.37
N PRO C 200 41.37 6.03 -23.37
CA PRO C 200 42.64 6.53 -23.92
C PRO C 200 42.51 7.82 -24.73
N SER C 201 43.62 8.55 -24.77
CA SER C 201 43.66 9.91 -25.37
C SER C 201 43.53 9.87 -26.90
N ARG C 202 43.62 8.71 -27.53
CA ARG C 202 43.32 8.63 -28.99
C ARG C 202 41.82 8.96 -29.33
N PHE C 203 40.92 8.88 -28.33
CA PHE C 203 39.54 9.23 -28.52
C PHE C 203 39.38 10.73 -28.21
N SER C 204 38.73 11.46 -29.10
CA SER C 204 38.31 12.85 -28.80
C SER C 204 36.98 13.17 -29.41
N GLY C 205 36.32 14.20 -28.87
CA GLY C 205 35.03 14.69 -29.37
C GLY C 205 34.97 16.21 -29.52
N SER C 206 34.14 16.66 -30.44
CA SER C 206 33.97 18.06 -30.71
C SER C 206 32.53 18.32 -31.16
N ARG C 207 32.09 19.59 -31.05
CA ARG C 207 30.77 20.02 -31.48
C ARG C 207 30.90 21.18 -32.48
N SER C 208 30.05 21.15 -33.48
CA SER C 208 29.82 22.32 -34.31
C SER C 208 28.33 22.51 -34.40
N GLY C 209 27.75 23.42 -33.60
CA GLY C 209 26.31 23.64 -33.67
C GLY C 209 25.55 22.42 -33.21
N THR C 210 24.80 21.82 -34.11
CA THR C 210 24.05 20.59 -33.78
C THR C 210 24.77 19.34 -34.26
N ASP C 211 26.02 19.46 -34.75
CA ASP C 211 26.77 18.29 -35.27
C ASP C 211 27.87 17.88 -34.28
N PHE C 212 27.95 16.61 -33.97
CA PHE C 212 28.91 16.15 -32.95
C PHE C 212 29.82 15.15 -33.59
N THR C 213 31.12 15.23 -33.32
CA THR C 213 32.08 14.35 -33.97
C THR C 213 32.96 13.63 -32.97
N LEU C 214 32.99 12.32 -33.11
CA LEU C 214 33.95 11.50 -32.40
C LEU C 214 35.11 11.19 -33.35
N THR C 215 36.33 11.38 -32.89
CA THR C 215 37.54 11.07 -33.64
C THR C 215 38.36 10.04 -32.89
N ILE C 216 38.81 8.98 -33.59
CA ILE C 216 39.82 8.06 -33.08
C ILE C 216 41.06 8.33 -33.93
N SER C 217 42.12 8.85 -33.33
CA SER C 217 43.30 9.33 -34.10
C SER C 217 44.00 8.20 -34.87
N SER C 218 44.11 7.03 -34.23
CA SER C 218 44.68 5.86 -34.82
C SER C 218 44.03 4.59 -34.25
N LEU C 219 43.25 3.91 -35.09
CA LEU C 219 42.41 2.80 -34.66
C LEU C 219 43.25 1.64 -34.15
N GLN C 220 42.96 1.18 -32.92
CA GLN C 220 43.61 -0.06 -32.39
C GLN C 220 42.72 -1.28 -32.60
N PRO C 221 43.29 -2.51 -32.59
CA PRO C 221 42.52 -3.74 -32.79
C PRO C 221 41.26 -3.78 -31.87
N GLU C 222 41.39 -3.25 -30.68
CA GLU C 222 40.35 -3.29 -29.67
C GLU C 222 39.28 -2.22 -29.94
N ASP C 223 39.56 -1.32 -30.88
CA ASP C 223 38.69 -0.21 -31.16
C ASP C 223 37.57 -0.60 -32.14
N PHE C 224 37.62 -1.80 -32.72
CA PHE C 224 36.46 -2.24 -33.50
C PHE C 224 35.20 -2.55 -32.67
N ALA C 225 34.09 -1.90 -33.04
CA ALA C 225 32.94 -1.75 -32.08
C ALA C 225 31.94 -0.80 -32.67
N THR C 226 30.80 -0.67 -31.99
CA THR C 226 29.75 0.27 -32.38
C THR C 226 29.87 1.47 -31.45
N TYR C 227 29.85 2.65 -32.05
CA TYR C 227 29.94 3.89 -31.25
C TYR C 227 28.60 4.64 -31.35
N TYR C 228 28.07 5.06 -30.19
CA TYR C 228 26.75 5.64 -30.13
C TYR C 228 26.85 7.02 -29.53
N CYS C 229 26.12 7.97 -30.10
CA CYS C 229 25.92 9.25 -29.44
C CYS C 229 24.63 9.23 -28.63
N GLN C 230 24.54 10.13 -27.65
CA GLN C 230 23.36 10.29 -26.81
C GLN C 230 23.24 11.76 -26.43
N GLN C 231 22.01 12.29 -26.48
CA GLN C 231 21.74 13.64 -25.97
C GLN C 231 20.99 13.53 -24.61
N SER C 232 21.39 14.35 -23.68
CA SER C 232 20.72 14.40 -22.32
C SER C 232 20.30 15.82 -22.02
N TYR C 233 20.06 16.61 -23.06
CA TYR C 233 19.67 18.01 -22.88
C TYR C 233 18.18 18.16 -22.51
N SER C 234 17.34 17.29 -23.06
CA SER C 234 15.89 17.45 -23.06
C SER C 234 15.27 16.07 -22.96
N PHE C 235 14.18 16.01 -22.23
CA PHE C 235 13.48 14.79 -21.96
C PHE C 235 12.65 14.27 -23.11
N PRO C 236 12.77 12.96 -23.41
CA PRO C 236 13.62 11.96 -22.74
C PRO C 236 15.00 11.94 -23.40
N SER C 237 16.04 11.54 -22.69
CA SER C 237 17.33 11.35 -23.31
C SER C 237 17.21 10.40 -24.45
N THR C 238 17.99 10.67 -25.50
CA THR C 238 17.89 9.79 -26.70
C THR C 238 19.25 9.44 -27.30
N PHE C 239 19.31 8.24 -27.92
CA PHE C 239 20.55 7.74 -28.45
C PHE C 239 20.43 7.65 -29.99
N GLY C 240 21.56 7.78 -30.67
CA GLY C 240 21.66 7.45 -32.07
C GLY C 240 21.69 5.94 -32.22
N CYS C 241 21.65 5.44 -33.46
CA CYS C 241 21.57 4.01 -33.68
C CYS C 241 22.93 3.46 -33.97
N GLY C 242 23.96 4.28 -33.82
CA GLY C 242 25.29 3.71 -33.86
C GLY C 242 25.98 3.74 -35.22
N THR C 243 27.30 3.80 -35.17
CA THR C 243 28.14 3.59 -36.31
C THR C 243 29.00 2.38 -35.90
N LYS C 244 28.86 1.26 -36.61
CA LYS C 244 29.70 0.08 -36.37
C LYS C 244 31.02 0.21 -37.16
N VAL C 245 32.12 0.27 -36.43
CA VAL C 245 33.45 0.26 -37.04
C VAL C 245 33.90 -1.23 -37.16
N GLU C 246 33.97 -1.71 -38.41
CA GLU C 246 34.29 -3.10 -38.78
C GLU C 246 35.62 -3.25 -39.49
N ILE C 247 36.20 -4.44 -39.32
CA ILE C 247 37.47 -4.87 -39.93
C ILE C 247 37.22 -4.92 -41.43
N LYS C 248 38.06 -4.26 -42.19
CA LYS C 248 37.85 -4.14 -43.64
C LYS C 248 37.91 -5.50 -44.43
N ARG C 249 36.97 -5.68 -45.38
CA ARG C 249 37.04 -6.59 -46.62
C ARG C 249 35.74 -7.34 -46.93
N GLN D 3 -30.72 2.81 9.30
CA GLN D 3 -31.71 2.51 8.27
C GLN D 3 -31.03 1.88 7.03
N LEU D 4 -31.73 0.95 6.41
CA LEU D 4 -31.35 0.40 5.11
C LEU D 4 -32.47 0.78 4.11
N VAL D 5 -32.12 1.41 3.01
CA VAL D 5 -33.10 1.63 1.91
C VAL D 5 -32.73 0.85 0.67
N GLU D 6 -33.62 -0.05 0.27
CA GLU D 6 -33.39 -0.83 -0.92
C GLU D 6 -33.92 -0.21 -2.18
N SER D 7 -33.39 -0.70 -3.30
CA SER D 7 -33.92 -0.39 -4.65
C SER D 7 -33.24 -1.29 -5.67
N GLY D 8 -33.66 -1.17 -6.94
CA GLY D 8 -33.03 -1.94 -8.03
C GLY D 8 -33.83 -3.12 -8.61
N GLY D 9 -35.08 -3.32 -8.16
CA GLY D 9 -35.90 -4.44 -8.72
C GLY D 9 -36.81 -4.06 -9.88
N GLY D 10 -37.98 -4.67 -9.97
CA GLY D 10 -38.93 -4.27 -11.04
C GLY D 10 -39.38 -5.47 -11.81
N LEU D 11 -39.93 -5.26 -13.01
CA LEU D 11 -40.52 -6.35 -13.82
C LEU D 11 -39.60 -6.73 -14.97
N VAL D 12 -39.18 -8.01 -15.03
CA VAL D 12 -38.26 -8.41 -16.12
C VAL D 12 -38.59 -9.76 -16.66
N GLN D 13 -38.00 -10.07 -17.80
CA GLN D 13 -38.16 -11.40 -18.42
C GLN D 13 -37.16 -12.41 -17.95
N PRO D 14 -37.54 -13.71 -17.98
CA PRO D 14 -36.56 -14.81 -17.72
C PRO D 14 -35.32 -14.58 -18.56
N GLY D 15 -34.15 -14.87 -17.96
CA GLY D 15 -32.87 -14.73 -18.64
C GLY D 15 -32.26 -13.35 -18.44
N GLY D 16 -33.07 -12.40 -17.98
CA GLY D 16 -32.59 -11.07 -17.60
C GLY D 16 -31.64 -11.03 -16.42
N SER D 17 -31.27 -9.80 -16.05
CA SER D 17 -30.33 -9.51 -14.96
C SER D 17 -30.76 -8.20 -14.33
N LEU D 18 -30.84 -8.15 -12.97
CA LEU D 18 -31.06 -6.90 -12.21
C LEU D 18 -29.92 -6.79 -11.17
N ARG D 19 -29.59 -5.58 -10.73
CA ARG D 19 -28.75 -5.42 -9.55
C ARG D 19 -29.57 -4.77 -8.43
N LEU D 20 -29.76 -5.47 -7.32
CA LEU D 20 -30.45 -4.83 -6.19
C LEU D 20 -29.45 -4.06 -5.41
N SER D 21 -29.91 -2.95 -4.81
CA SER D 21 -29.06 -2.10 -3.98
C SER D 21 -29.67 -2.03 -2.57
N CYS D 22 -28.78 -1.85 -1.60
CA CYS D 22 -29.10 -1.83 -0.14
C CYS D 22 -28.19 -0.72 0.49
N ALA D 23 -28.72 0.50 0.55
CA ALA D 23 -27.96 1.69 0.97
C ALA D 23 -28.10 1.94 2.47
N ALA D 24 -26.98 2.06 3.17
CA ALA D 24 -26.98 2.18 4.63
C ALA D 24 -27.00 3.69 4.91
N SER D 25 -27.73 4.07 5.94
CA SER D 25 -27.71 5.47 6.48
C SER D 25 -27.48 5.46 7.99
N GLY D 26 -26.44 6.19 8.43
CA GLY D 26 -26.17 6.33 9.86
C GLY D 26 -25.28 5.27 10.48
N PHE D 27 -24.73 4.40 9.64
CA PHE D 27 -23.77 3.38 10.06
C PHE D 27 -23.02 2.92 8.80
N ALA D 28 -21.92 2.22 9.00
CA ALA D 28 -21.12 1.73 7.87
C ALA D 28 -21.57 0.35 7.44
N ILE D 29 -21.64 0.15 6.11
CA ILE D 29 -22.07 -1.12 5.53
C ILE D 29 -21.11 -2.27 5.95
N SER D 30 -19.92 -1.87 6.43
CA SER D 30 -18.82 -2.76 6.84
C SER D 30 -18.94 -3.26 8.30
N ALA D 31 -19.72 -2.53 9.09
CA ALA D 31 -19.95 -2.84 10.50
C ALA D 31 -20.93 -4.03 10.69
N SER D 32 -21.09 -4.88 9.67
CA SER D 32 -21.68 -6.20 9.89
C SER D 32 -21.74 -7.04 8.64
N SER D 33 -22.06 -8.31 8.89
CA SER D 33 -22.55 -9.20 7.86
C SER D 33 -23.82 -8.63 7.28
N ILE D 34 -23.96 -8.87 5.99
CA ILE D 34 -25.11 -8.42 5.27
C ILE D 34 -25.68 -9.65 4.70
N HIS D 35 -27.00 -9.82 4.90
CA HIS D 35 -27.75 -10.98 4.37
C HIS D 35 -28.89 -10.43 3.47
N TRP D 36 -29.27 -11.26 2.52
CA TRP D 36 -30.41 -11.06 1.68
C TRP D 36 -31.35 -12.21 1.97
N VAL D 37 -32.61 -11.86 2.13
CA VAL D 37 -33.68 -12.80 2.38
C VAL D 37 -34.82 -12.38 1.43
N ARG D 38 -35.50 -13.37 0.85
CA ARG D 38 -36.62 -13.06 -0.08
C ARG D 38 -37.91 -13.75 0.31
N GLN D 39 -39.02 -13.20 -0.13
CA GLN D 39 -40.30 -13.73 0.26
C GLN D 39 -41.21 -13.65 -0.98
N ALA D 40 -41.56 -14.82 -1.54
CA ALA D 40 -42.45 -14.89 -2.68
C ALA D 40 -43.87 -14.50 -2.26
N PRO D 41 -44.69 -14.00 -3.25
CA PRO D 41 -46.03 -13.48 -2.95
C PRO D 41 -46.85 -14.53 -2.19
N GLY D 42 -47.38 -14.10 -1.02
CA GLY D 42 -48.03 -15.00 -0.05
C GLY D 42 -47.25 -16.30 0.15
N LYS D 43 -46.04 -16.17 0.69
CA LYS D 43 -45.17 -17.35 0.94
C LYS D 43 -44.27 -17.21 2.12
N CYS D 44 -43.36 -18.16 2.24
CA CYS D 44 -42.55 -18.41 3.41
C CYS D 44 -41.21 -17.71 3.16
N LEU D 45 -40.52 -17.15 4.17
CA LEU D 45 -39.24 -16.48 3.96
C LEU D 45 -38.13 -17.48 3.53
N GLU D 46 -37.28 -17.07 2.60
CA GLU D 46 -36.17 -17.94 2.16
C GLU D 46 -34.92 -17.11 2.23
N TRP D 47 -33.86 -17.66 2.84
CA TRP D 47 -32.57 -17.02 2.94
C TRP D 47 -31.79 -17.17 1.62
N VAL D 48 -31.15 -16.08 1.15
CA VAL D 48 -30.57 -16.03 -0.21
C VAL D 48 -29.07 -15.98 -0.24
N ALA D 49 -28.48 -15.07 0.57
CA ALA D 49 -27.07 -14.84 0.48
C ALA D 49 -26.55 -14.06 1.67
N SER D 50 -25.24 -14.18 1.87
CA SER D 50 -24.55 -13.47 2.95
C SER D 50 -23.12 -13.14 2.57
N ILE D 51 -22.63 -12.08 3.22
CA ILE D 51 -21.23 -11.68 3.11
C ILE D 51 -20.67 -11.42 4.53
N ASP D 52 -19.46 -11.92 4.75
CA ASP D 52 -18.73 -11.75 6.02
C ASP D 52 -17.74 -10.60 5.77
N PRO D 53 -17.85 -9.48 6.53
CA PRO D 53 -16.98 -8.32 6.20
C PRO D 53 -15.53 -8.50 6.68
N GLU D 54 -15.29 -9.46 7.57
CA GLU D 54 -13.91 -9.72 7.99
C GLU D 54 -13.06 -10.57 6.97
N THR D 55 -13.66 -11.59 6.35
CA THR D 55 -12.95 -12.37 5.37
C THR D 55 -13.35 -11.99 3.94
N GLY D 56 -14.50 -11.35 3.78
CA GLY D 56 -15.03 -11.15 2.36
C GLY D 56 -15.84 -12.33 1.85
N GLU D 57 -15.79 -13.46 2.54
CA GLU D 57 -16.53 -14.69 2.04
C GLU D 57 -18.04 -14.59 1.93
N THR D 58 -18.54 -15.15 0.82
CA THR D 58 -19.98 -15.14 0.52
C THR D 58 -20.57 -16.54 0.62
N LEU D 59 -21.81 -16.62 1.11
CA LEU D 59 -22.59 -17.89 1.00
C LEU D 59 -23.86 -17.64 0.20
N TYR D 60 -24.30 -18.62 -0.57
CA TYR D 60 -25.54 -18.47 -1.38
C TYR D 60 -26.47 -19.62 -1.19
N ALA D 61 -27.78 -19.37 -1.19
CA ALA D 61 -28.70 -20.52 -1.24
C ALA D 61 -28.46 -21.35 -2.53
N LYS D 62 -28.62 -22.67 -2.39
CA LYS D 62 -28.38 -23.55 -3.55
C LYS D 62 -29.20 -23.13 -4.76
N SER D 63 -30.42 -22.65 -4.53
CA SER D 63 -31.31 -22.22 -5.65
C SER D 63 -30.78 -21.02 -6.47
N VAL D 64 -29.77 -20.32 -5.95
CA VAL D 64 -29.22 -19.14 -6.61
C VAL D 64 -27.74 -19.16 -6.86
N ALA D 65 -27.06 -20.20 -6.36
CA ALA D 65 -25.62 -20.32 -6.56
C ALA D 65 -25.17 -20.22 -8.00
N GLY D 66 -24.16 -19.37 -8.21
CA GLY D 66 -23.62 -19.17 -9.53
C GLY D 66 -24.41 -18.22 -10.42
N ARG D 67 -25.58 -17.78 -9.97
CA ARG D 67 -26.34 -16.79 -10.71
C ARG D 67 -26.36 -15.44 -9.98
N PHE D 68 -26.34 -15.49 -8.65
CA PHE D 68 -26.40 -14.26 -7.80
C PHE D 68 -25.03 -14.02 -7.18
N THR D 69 -24.61 -12.74 -7.11
CA THR D 69 -23.37 -12.34 -6.47
C THR D 69 -23.64 -11.20 -5.46
N ILE D 70 -23.26 -11.43 -4.19
CA ILE D 70 -23.50 -10.47 -3.12
C ILE D 70 -22.20 -9.73 -2.92
N SER D 71 -22.28 -8.42 -2.73
CA SER D 71 -21.07 -7.66 -2.54
C SER D 71 -21.30 -6.43 -1.64
N ALA D 72 -20.19 -5.86 -1.19
CA ALA D 72 -20.24 -4.63 -0.40
C ALA D 72 -19.29 -3.62 -1.04
N ASP D 73 -19.69 -2.36 -0.97
CA ASP D 73 -18.85 -1.28 -1.41
C ASP D 73 -18.86 -0.24 -0.28
N THR D 74 -17.70 -0.14 0.37
CA THR D 74 -17.48 0.66 1.56
C THR D 74 -17.49 2.15 1.21
N SER D 75 -16.89 2.49 0.08
CA SER D 75 -16.83 3.88 -0.33
C SER D 75 -18.23 4.46 -0.70
N LYS D 76 -19.17 3.63 -1.15
CA LYS D 76 -20.53 4.12 -1.46
C LYS D 76 -21.55 3.85 -0.38
N ASN D 77 -21.08 3.13 0.64
CA ASN D 77 -21.90 2.70 1.75
C ASN D 77 -23.20 1.99 1.31
N THR D 78 -23.04 1.13 0.28
CA THR D 78 -24.17 0.41 -0.34
C THR D 78 -23.74 -1.02 -0.65
N ALA D 79 -24.60 -1.98 -0.30
CA ALA D 79 -24.37 -3.40 -0.68
C ALA D 79 -25.25 -3.74 -1.88
N TYR D 80 -24.84 -4.75 -2.63
CA TYR D 80 -25.58 -5.09 -3.82
C TYR D 80 -25.90 -6.59 -3.90
N LEU D 81 -26.94 -6.92 -4.63
CA LEU D 81 -27.13 -8.32 -5.04
C LEU D 81 -27.32 -8.31 -6.56
N GLN D 82 -26.29 -8.73 -7.29
CA GLN D 82 -26.36 -8.93 -8.73
C GLN D 82 -27.06 -10.24 -9.03
N MET D 83 -28.14 -10.13 -9.78
CA MET D 83 -29.00 -11.28 -10.07
C MET D 83 -28.98 -11.51 -11.57
N ASN D 84 -28.25 -12.54 -12.02
CA ASN D 84 -28.20 -12.94 -13.44
C ASN D 84 -29.09 -14.13 -13.74
N SER D 85 -29.27 -14.38 -15.04
CA SER D 85 -30.09 -15.54 -15.54
C SER D 85 -31.36 -15.70 -14.70
N LEU D 86 -32.14 -14.63 -14.62
CA LEU D 86 -33.29 -14.63 -13.76
C LEU D 86 -34.27 -15.69 -14.24
N ARG D 87 -35.05 -16.25 -13.31
CA ARG D 87 -36.05 -17.24 -13.66
C ARG D 87 -37.27 -16.82 -12.90
N ALA D 88 -38.43 -17.27 -13.36
CA ALA D 88 -39.71 -16.97 -12.75
C ALA D 88 -39.75 -17.16 -11.26
N GLU D 89 -39.20 -18.27 -10.78
CA GLU D 89 -39.29 -18.61 -9.36
C GLU D 89 -38.45 -17.64 -8.53
N ASP D 90 -37.68 -16.79 -9.18
CA ASP D 90 -36.99 -15.67 -8.46
C ASP D 90 -37.90 -14.57 -8.03
N THR D 91 -39.13 -14.54 -8.51
CA THR D 91 -40.07 -13.47 -8.22
C THR D 91 -40.27 -13.42 -6.71
N ALA D 92 -40.15 -12.23 -6.10
CA ALA D 92 -40.28 -12.09 -4.63
C ALA D 92 -40.05 -10.67 -4.21
N VAL D 93 -40.45 -10.34 -2.97
CA VAL D 93 -39.93 -9.16 -2.29
C VAL D 93 -38.57 -9.55 -1.70
N TYR D 94 -37.56 -8.73 -1.97
CA TYR D 94 -36.19 -9.01 -1.52
C TYR D 94 -35.87 -8.04 -0.44
N TYR D 95 -35.32 -8.59 0.68
CA TYR D 95 -34.94 -7.78 1.82
C TYR D 95 -33.44 -7.90 2.06
N CYS D 96 -32.80 -6.81 2.41
CA CYS D 96 -31.43 -6.82 2.86
C CYS D 96 -31.53 -6.64 4.36
N ALA D 97 -30.51 -7.10 5.10
CA ALA D 97 -30.51 -6.94 6.55
C ALA D 97 -29.08 -7.06 7.09
N ARG D 98 -28.81 -6.32 8.17
CA ARG D 98 -27.57 -6.47 8.95
C ARG D 98 -27.71 -7.68 9.80
N ALA D 99 -26.65 -8.45 9.96
CA ALA D 99 -26.77 -9.72 10.70
C ALA D 99 -25.93 -9.54 11.94
N TYR D 100 -26.50 -9.99 13.05
CA TYR D 100 -25.97 -9.78 14.37
C TYR D 100 -25.49 -11.16 14.83
N ALA D 101 -24.26 -11.22 15.30
CA ALA D 101 -23.71 -12.48 15.88
C ALA D 101 -24.07 -12.60 17.38
N GLY D 102 -24.79 -13.65 17.71
CA GLY D 102 -25.16 -13.94 19.08
C GLY D 102 -24.68 -15.33 19.42
N ASP D 103 -23.63 -15.39 20.20
CA ASP D 103 -22.96 -16.65 20.57
C ASP D 103 -22.66 -17.59 19.39
N GLY D 104 -22.11 -17.05 18.32
CA GLY D 104 -21.62 -17.90 17.23
C GLY D 104 -22.64 -18.06 16.14
N VAL D 105 -23.83 -17.51 16.36
CA VAL D 105 -24.96 -17.73 15.44
C VAL D 105 -25.43 -16.39 14.89
N TYR D 106 -25.80 -16.35 13.61
CA TYR D 106 -26.23 -15.06 13.01
C TYR D 106 -27.72 -14.86 12.95
N TYR D 107 -28.17 -13.71 13.43
CA TYR D 107 -29.56 -13.30 13.35
C TYR D 107 -29.70 -11.89 12.70
N ALA D 108 -30.75 -11.67 11.96
CA ALA D 108 -30.94 -10.39 11.25
C ALA D 108 -31.67 -9.37 12.12
N ASP D 109 -30.99 -8.33 12.59
CA ASP D 109 -31.59 -7.38 13.55
C ASP D 109 -32.01 -6.07 12.95
N VAL D 110 -31.49 -5.71 11.78
CA VAL D 110 -31.90 -4.45 11.10
C VAL D 110 -32.17 -4.79 9.64
N TRP D 111 -33.41 -4.50 9.19
CA TRP D 111 -33.86 -4.93 7.85
C TRP D 111 -34.20 -3.71 6.99
N GLY D 112 -33.97 -3.83 5.69
CA GLY D 112 -34.50 -2.87 4.69
C GLY D 112 -36.00 -3.03 4.54
N GLN D 113 -36.60 -2.13 3.72
CA GLN D 113 -38.04 -2.01 3.58
C GLN D 113 -38.57 -3.05 2.63
N GLY D 114 -37.67 -3.63 1.82
CA GLY D 114 -38.01 -4.66 0.84
C GLY D 114 -38.16 -4.06 -0.57
N THR D 115 -37.81 -4.82 -1.61
CA THR D 115 -38.01 -4.34 -2.99
C THR D 115 -38.56 -5.52 -3.83
N LEU D 116 -39.59 -5.22 -4.63
CA LEU D 116 -40.21 -6.19 -5.53
C LEU D 116 -39.42 -6.49 -6.81
N VAL D 117 -39.17 -7.77 -7.03
CA VAL D 117 -38.62 -8.29 -8.27
C VAL D 117 -39.66 -9.21 -8.86
N THR D 118 -40.17 -8.89 -10.06
CA THR D 118 -41.05 -9.80 -10.80
C THR D 118 -40.45 -10.29 -12.12
N VAL D 119 -40.35 -11.61 -12.25
CA VAL D 119 -39.75 -12.21 -13.42
C VAL D 119 -40.88 -12.95 -14.12
N SER D 120 -41.31 -12.44 -15.27
CA SER D 120 -42.49 -12.96 -16.01
C SER D 120 -42.34 -13.01 -17.54
N GLY D 140 -35.90 -30.38 1.22
CA GLY D 140 -34.92 -31.32 0.67
C GLY D 140 -34.03 -31.78 1.79
N SER D 141 -32.72 -31.64 1.76
CA SER D 141 -31.84 -31.97 2.92
C SER D 141 -31.68 -30.76 3.87
N ASP D 142 -32.60 -29.80 3.73
CA ASP D 142 -32.56 -28.59 4.54
C ASP D 142 -33.40 -28.83 5.77
N ILE D 143 -32.99 -28.17 6.85
CA ILE D 143 -33.76 -28.25 8.06
C ILE D 143 -35.08 -27.53 7.84
N GLN D 144 -36.16 -28.26 8.04
CA GLN D 144 -37.51 -27.71 8.04
C GLN D 144 -37.87 -27.21 9.41
N MET D 145 -38.53 -26.05 9.42
CA MET D 145 -39.09 -25.46 10.63
C MET D 145 -40.59 -25.38 10.42
N THR D 146 -41.34 -26.16 11.17
CA THR D 146 -42.76 -26.33 10.91
C THR D 146 -43.57 -25.57 11.90
N GLN D 147 -44.29 -24.59 11.39
CA GLN D 147 -45.02 -23.66 12.23
C GLN D 147 -46.47 -23.98 12.18
N SER D 148 -47.05 -24.14 13.37
CA SER D 148 -48.48 -24.31 13.52
C SER D 148 -48.97 -23.52 14.75
N PRO D 149 -50.20 -23.01 14.67
CA PRO D 149 -51.03 -23.04 13.45
C PRO D 149 -50.53 -22.06 12.40
N SER D 150 -51.02 -22.21 11.19
CA SER D 150 -50.65 -21.25 10.16
C SER D 150 -51.44 -19.94 10.39
N SER D 151 -52.59 -20.03 11.04
CA SER D 151 -53.34 -18.84 11.43
C SER D 151 -54.03 -19.07 12.75
N LEU D 152 -54.17 -17.98 13.50
CA LEU D 152 -54.77 -18.05 14.82
C LEU D 152 -55.56 -16.78 15.05
N SER D 153 -56.86 -16.94 15.33
CA SER D 153 -57.72 -15.80 15.63
C SER D 153 -57.71 -15.55 17.15
N ALA D 154 -57.63 -14.30 17.58
CA ALA D 154 -57.52 -13.99 18.99
C ALA D 154 -58.11 -12.64 19.33
N SER D 155 -58.37 -12.45 20.61
CA SER D 155 -58.86 -11.16 21.14
C SER D 155 -57.73 -10.53 21.93
N VAL D 156 -57.81 -9.19 22.02
CA VAL D 156 -56.93 -8.36 22.81
C VAL D 156 -57.02 -8.84 24.27
N GLY D 157 -55.85 -9.05 24.88
CA GLY D 157 -55.79 -9.59 26.22
C GLY D 157 -55.54 -11.08 26.34
N ASP D 158 -55.60 -11.81 25.23
CA ASP D 158 -55.39 -13.24 25.22
C ASP D 158 -53.94 -13.56 25.42
N ARG D 159 -53.72 -14.67 26.12
CA ARG D 159 -52.44 -15.32 26.10
C ARG D 159 -52.31 -16.11 24.80
N VAL D 160 -51.23 -15.87 24.05
CA VAL D 160 -51.03 -16.52 22.76
C VAL D 160 -49.75 -17.35 22.76
N THR D 161 -49.86 -18.57 22.21
CA THR D 161 -48.74 -19.51 22.12
C THR D 161 -48.59 -19.97 20.66
N ILE D 162 -47.37 -19.88 20.13
CA ILE D 162 -47.08 -20.27 18.76
C ILE D 162 -45.92 -21.25 18.75
N THR D 163 -46.01 -22.29 17.94
CA THR D 163 -45.05 -23.38 18.00
C THR D 163 -44.30 -23.51 16.71
N CYS D 164 -43.05 -23.96 16.81
CA CYS D 164 -42.23 -24.21 15.67
C CYS D 164 -41.36 -25.44 15.96
N ARG D 165 -41.53 -26.49 15.13
CA ARG D 165 -40.74 -27.76 15.32
C ARG D 165 -39.68 -27.86 14.31
N ALA D 166 -38.44 -27.99 14.79
CA ALA D 166 -37.33 -28.13 13.91
C ALA D 166 -37.25 -29.63 13.48
N SER D 167 -36.96 -29.89 12.21
CA SER D 167 -36.94 -31.32 11.72
C SER D 167 -35.79 -32.15 12.27
N GLN D 168 -34.78 -31.47 12.76
CA GLN D 168 -33.68 -32.08 13.47
C GLN D 168 -33.13 -31.05 14.45
N SER D 169 -32.18 -31.47 15.29
CA SER D 169 -31.58 -30.58 16.33
C SER D 169 -30.96 -29.34 15.71
N VAL D 170 -31.32 -28.18 16.29
CA VAL D 170 -30.79 -26.92 15.88
C VAL D 170 -30.18 -26.26 17.09
N SER D 171 -29.82 -27.09 18.08
CA SER D 171 -29.44 -26.56 19.40
C SER D 171 -30.41 -25.44 19.87
N SER D 172 -29.85 -24.30 20.32
CA SER D 172 -30.65 -23.13 20.65
C SER D 172 -30.57 -21.99 19.59
N ALA D 173 -30.14 -22.30 18.37
CA ALA D 173 -29.91 -21.28 17.32
C ALA D 173 -31.21 -20.94 16.56
N VAL D 174 -32.22 -20.50 17.31
CA VAL D 174 -33.54 -20.12 16.81
C VAL D 174 -33.83 -18.64 17.12
N ALA D 175 -34.51 -17.96 16.17
CA ALA D 175 -34.93 -16.58 16.37
C ALA D 175 -36.38 -16.52 16.02
N TRP D 176 -37.09 -15.52 16.57
CA TRP D 176 -38.50 -15.30 16.26
C TRP D 176 -38.61 -13.86 15.75
N TYR D 177 -39.38 -13.71 14.69
CA TYR D 177 -39.57 -12.41 14.02
C TYR D 177 -41.02 -12.11 13.97
N GLN D 178 -41.33 -10.81 14.10
CA GLN D 178 -42.66 -10.29 13.90
C GLN D 178 -42.69 -9.50 12.60
N GLN D 179 -43.71 -9.78 11.77
CA GLN D 179 -43.92 -9.11 10.49
C GLN D 179 -45.37 -8.62 10.40
N LYS D 180 -45.52 -7.32 10.19
CA LYS D 180 -46.82 -6.71 9.88
C LYS D 180 -46.89 -6.57 8.38
N PRO D 181 -48.11 -6.74 7.78
CA PRO D 181 -48.25 -6.75 6.32
C PRO D 181 -47.50 -5.63 5.58
N GLY D 182 -46.82 -6.03 4.50
CA GLY D 182 -45.98 -5.13 3.68
C GLY D 182 -44.76 -4.45 4.30
N LYS D 183 -44.42 -4.78 5.54
CA LYS D 183 -43.28 -4.19 6.27
C LYS D 183 -42.19 -5.27 6.43
N ALA D 184 -40.98 -4.84 6.82
CA ALA D 184 -39.88 -5.77 7.10
C ALA D 184 -40.06 -6.50 8.43
N PRO D 185 -39.71 -7.80 8.47
CA PRO D 185 -39.65 -8.44 9.78
C PRO D 185 -38.82 -7.67 10.80
N LYS D 186 -39.17 -7.86 12.08
CA LYS D 186 -38.52 -7.29 13.20
C LYS D 186 -38.05 -8.46 14.11
N LEU D 187 -36.78 -8.45 14.52
CA LEU D 187 -36.25 -9.51 15.45
C LEU D 187 -36.83 -9.31 16.85
N LEU D 188 -37.47 -10.33 17.39
CA LEU D 188 -37.99 -10.31 18.76
C LEU D 188 -37.10 -11.05 19.74
N ILE D 189 -36.67 -12.25 19.34
CA ILE D 189 -36.00 -13.19 20.23
C ILE D 189 -34.89 -13.84 19.47
N TYR D 190 -33.73 -14.04 20.09
CA TYR D 190 -32.67 -14.83 19.47
C TYR D 190 -32.12 -15.82 20.49
N SER D 191 -31.33 -16.78 20.00
CA SER D 191 -30.84 -17.88 20.87
C SER D 191 -32.00 -18.51 21.62
N ALA D 192 -33.13 -18.70 20.92
CA ALA D 192 -34.36 -19.32 21.48
C ALA D 192 -35.11 -18.52 22.54
N SER D 193 -34.41 -17.88 23.44
CA SER D 193 -35.09 -17.27 24.57
C SER D 193 -34.55 -15.87 24.97
N SER D 194 -33.62 -15.30 24.22
CA SER D 194 -33.07 -13.95 24.59
C SER D 194 -33.89 -12.87 23.85
N LEU D 195 -34.43 -11.95 24.64
CA LEU D 195 -35.18 -10.83 24.08
C LEU D 195 -34.23 -9.82 23.45
N TYR D 196 -34.52 -9.37 22.24
CA TYR D 196 -33.69 -8.37 21.66
C TYR D 196 -34.10 -7.01 22.27
N SER D 197 -33.19 -6.05 22.23
CA SER D 197 -33.53 -4.69 22.76
C SER D 197 -34.70 -4.13 21.98
N GLY D 198 -35.54 -3.36 22.67
CA GLY D 198 -36.75 -2.73 22.07
C GLY D 198 -37.97 -3.60 22.02
N VAL D 199 -37.87 -4.81 22.57
CA VAL D 199 -38.98 -5.79 22.50
C VAL D 199 -39.62 -5.81 23.86
N PRO D 200 -40.95 -5.63 23.91
CA PRO D 200 -41.67 -5.63 25.21
C PRO D 200 -41.62 -6.97 25.87
N SER D 201 -41.65 -6.92 27.21
CA SER D 201 -41.43 -8.11 28.07
C SER D 201 -42.61 -9.10 27.99
N ARG D 202 -43.76 -8.68 27.45
CA ARG D 202 -44.85 -9.63 27.18
C ARG D 202 -44.47 -10.72 26.18
N PHE D 203 -43.43 -10.50 25.37
CA PHE D 203 -42.96 -11.56 24.44
C PHE D 203 -41.97 -12.40 25.19
N SER D 204 -42.04 -13.72 25.03
CA SER D 204 -40.97 -14.59 25.53
C SER D 204 -40.86 -15.85 24.63
N GLY D 205 -39.76 -16.59 24.78
CA GLY D 205 -39.51 -17.76 23.95
C GLY D 205 -38.85 -18.87 24.72
N SER D 206 -39.16 -20.12 24.40
CA SER D 206 -38.53 -21.23 25.13
C SER D 206 -38.25 -22.35 24.13
N ARG D 207 -37.46 -23.30 24.60
CA ARG D 207 -37.10 -24.46 23.82
C ARG D 207 -37.42 -25.69 24.64
N SER D 208 -37.95 -26.72 23.98
CA SER D 208 -38.01 -28.03 24.57
C SER D 208 -37.60 -29.02 23.49
N GLY D 209 -36.31 -29.37 23.49
CA GLY D 209 -35.67 -30.16 22.46
C GLY D 209 -35.68 -29.50 21.08
N THR D 210 -36.51 -30.02 20.18
CA THR D 210 -36.63 -29.46 18.80
C THR D 210 -37.87 -28.60 18.63
N ASP D 211 -38.61 -28.37 19.73
CA ASP D 211 -39.84 -27.58 19.70
C ASP D 211 -39.56 -26.23 20.31
N PHE D 212 -39.90 -25.18 19.56
CA PHE D 212 -39.68 -23.83 20.02
C PHE D 212 -41.04 -23.12 20.11
N THR D 213 -41.25 -22.38 21.21
CA THR D 213 -42.52 -21.69 21.40
C THR D 213 -42.28 -20.21 21.63
N LEU D 214 -43.12 -19.42 21.02
CA LEU D 214 -43.19 -17.99 21.24
C LEU D 214 -44.45 -17.76 22.02
N THR D 215 -44.33 -17.11 23.17
CA THR D 215 -45.47 -16.73 24.00
C THR D 215 -45.66 -15.18 24.05
N ILE D 216 -46.88 -14.71 23.85
CA ILE D 216 -47.29 -13.33 24.15
C ILE D 216 -48.23 -13.43 25.33
N SER D 217 -47.82 -12.96 26.51
CA SER D 217 -48.62 -13.17 27.75
C SER D 217 -50.05 -12.59 27.63
N SER D 218 -50.13 -11.41 27.00
CA SER D 218 -51.36 -10.61 26.87
C SER D 218 -51.32 -9.79 25.56
N LEU D 219 -52.08 -10.27 24.59
CA LEU D 219 -52.09 -9.71 23.26
C LEU D 219 -52.56 -8.26 23.28
N GLN D 220 -51.79 -7.38 22.65
CA GLN D 220 -52.13 -5.94 22.52
C GLN D 220 -52.56 -5.66 21.09
N PRO D 221 -53.36 -4.57 20.86
CA PRO D 221 -53.80 -4.25 19.49
C PRO D 221 -52.69 -4.28 18.42
N GLU D 222 -51.53 -3.70 18.74
CA GLU D 222 -50.38 -3.69 17.83
C GLU D 222 -49.68 -5.05 17.62
N ASP D 223 -50.11 -6.10 18.35
CA ASP D 223 -49.51 -7.44 18.26
C ASP D 223 -50.10 -8.31 17.17
N PHE D 224 -51.18 -7.86 16.53
CA PHE D 224 -51.73 -8.66 15.44
C PHE D 224 -50.81 -8.52 14.26
N ALA D 225 -50.26 -9.66 13.86
CA ALA D 225 -49.15 -9.74 12.94
C ALA D 225 -48.90 -11.18 12.55
N THR D 226 -47.96 -11.37 11.64
CA THR D 226 -47.40 -12.74 11.38
C THR D 226 -46.06 -12.91 12.11
N TYR D 227 -45.87 -14.09 12.70
CA TYR D 227 -44.70 -14.41 13.52
C TYR D 227 -43.99 -15.55 12.85
N TYR D 228 -42.68 -15.45 12.68
CA TYR D 228 -41.93 -16.49 11.98
C TYR D 228 -40.78 -16.95 12.86
N CYS D 229 -40.44 -18.24 12.77
CA CYS D 229 -39.23 -18.74 13.43
C CYS D 229 -38.15 -18.93 12.38
N GLN D 230 -36.91 -18.85 12.82
CA GLN D 230 -35.77 -19.15 11.94
C GLN D 230 -34.79 -20.00 12.70
N GLN D 231 -34.14 -20.92 11.99
CA GLN D 231 -32.92 -21.56 12.54
C GLN D 231 -31.68 -21.16 11.77
N SER D 232 -30.61 -20.91 12.51
CA SER D 232 -29.33 -20.60 11.91
C SER D 232 -28.24 -21.45 12.50
N TYR D 233 -28.63 -22.65 12.93
CA TYR D 233 -27.66 -23.66 13.36
C TYR D 233 -26.82 -24.21 12.21
N SER D 234 -27.49 -24.55 11.11
CA SER D 234 -26.89 -25.29 10.03
C SER D 234 -27.27 -24.64 8.70
N PHE D 235 -26.32 -24.70 7.76
CA PHE D 235 -26.48 -24.18 6.43
C PHE D 235 -27.43 -24.99 5.55
N PRO D 236 -28.37 -24.32 4.86
CA PRO D 236 -28.72 -22.88 4.92
C PRO D 236 -29.69 -22.55 6.02
N SER D 237 -29.67 -21.31 6.52
CA SER D 237 -30.67 -20.89 7.52
C SER D 237 -32.03 -21.03 6.90
N THR D 238 -33.00 -21.43 7.72
CA THR D 238 -34.33 -21.68 7.21
C THR D 238 -35.40 -21.11 8.11
N PHE D 239 -36.50 -20.67 7.51
CA PHE D 239 -37.62 -20.08 8.24
C PHE D 239 -38.82 -20.98 8.25
N GLY D 240 -39.68 -20.80 9.26
CA GLY D 240 -41.02 -21.37 9.25
C GLY D 240 -41.93 -20.55 8.34
N CYS D 241 -43.12 -21.08 8.08
CA CYS D 241 -44.00 -20.38 7.13
C CYS D 241 -44.93 -19.40 7.81
N GLY D 242 -44.76 -19.17 9.11
CA GLY D 242 -45.46 -18.13 9.79
C GLY D 242 -46.77 -18.51 10.44
N THR D 243 -47.14 -17.75 11.44
CA THR D 243 -48.43 -17.89 12.10
C THR D 243 -49.00 -16.48 12.06
N LYS D 244 -50.16 -16.32 11.46
CA LYS D 244 -50.77 -15.04 11.40
C LYS D 244 -51.79 -14.95 12.55
N VAL D 245 -51.55 -13.97 13.41
CA VAL D 245 -52.39 -13.74 14.57
C VAL D 245 -53.39 -12.68 14.14
N GLU D 246 -54.68 -13.11 14.11
CA GLU D 246 -55.79 -12.36 13.48
C GLU D 246 -56.83 -11.92 14.49
N ILE D 247 -57.49 -10.82 14.16
CA ILE D 247 -58.54 -10.22 15.00
C ILE D 247 -59.76 -11.13 15.18
#